data_8RCZ
#
_entry.id   8RCZ
#
_cell.length_a   54.744
_cell.length_b   88.729
_cell.length_c   158.172
_cell.angle_alpha   90.00
_cell.angle_beta   90.00
_cell.angle_gamma   90.00
#
_symmetry.space_group_name_H-M   'P 21 21 21'
#
loop_
_entity.id
_entity.type
_entity.pdbx_description
1 polymer 'Enoyl-[acyl-carrier-protein] reductase [NADH]'
2 non-polymer '1,4-DIHYDRONICOTINAMIDE ADENINE DINUCLEOTIDE'
3 water water
#
_entity_poly.entity_id   1
_entity_poly.type   'polypeptide(L)'
_entity_poly.pdbx_seq_one_letter_code
;MIIKPRVRGFICVTTHPAGCEANVKQQIDYVEAKGPVVNGPKKVLVIGSSTGYGLAARITAAFGSGADTLGVFFERPGSE
SKPGTAGWYNSAAFEKFAHEKGLYARSINGDAFSDEVKRLTIETIKRDLGKVDLVVYSLAAPRRTHPKTGEVFSSTLKPI
GKSVSFRGLDTDKEVIKDVVLEAASDQEVADTVAVMGGEDWQMWIDALLEADVLADGAKTTAFTYLGEKITHDIYWNGSI
GAAKKDLDQKVLGIRDRLAPLGGDARVSVLKAVVTQASSAIPMMPLYLSLLFKVMKEQGTHEGCIEQVDGLYRESLYGAE
PRLDEEGRLRADYKELQPEVQSRVEELWDKVTNENLYELTDFAGYKSEFLNLFGFEVAGVDYEQDVDPDVQIANLIQAGS
E
;
_entity_poly.pdbx_strand_id   A,B
#
# COMPACT_ATOMS: atom_id res chain seq x y z
N ILE A 11 -9.25 -12.39 -0.33
CA ILE A 11 -9.05 -12.32 -1.77
C ILE A 11 -8.26 -11.08 -2.16
N CYS A 12 -7.30 -11.25 -3.07
CA CYS A 12 -6.64 -10.13 -3.72
C CYS A 12 -7.03 -10.06 -5.19
N VAL A 13 -7.32 -8.85 -5.65
CA VAL A 13 -7.56 -8.57 -7.06
C VAL A 13 -6.58 -7.50 -7.48
N THR A 14 -5.80 -7.77 -8.51
CA THR A 14 -4.85 -6.79 -9.01
C THR A 14 -5.60 -5.60 -9.62
N THR A 15 -4.84 -4.63 -10.10
CA THR A 15 -5.41 -3.40 -10.63
C THR A 15 -5.13 -3.32 -12.13
N HIS A 16 -6.16 -2.96 -12.89
CA HIS A 16 -6.07 -2.82 -14.34
C HIS A 16 -6.11 -1.35 -14.71
N PRO A 17 -4.99 -0.75 -15.09
CA PRO A 17 -4.99 0.71 -15.35
C PRO A 17 -5.96 1.14 -16.44
N ALA A 18 -5.97 0.43 -17.57
CA ALA A 18 -6.84 0.83 -18.68
C ALA A 18 -8.32 0.75 -18.28
N GLY A 19 -8.70 -0.27 -17.51
CA GLY A 19 -10.08 -0.41 -17.11
C GLY A 19 -10.52 0.67 -16.13
N CYS A 20 -9.61 1.10 -15.26
CA CYS A 20 -9.92 2.19 -14.33
C CYS A 20 -10.20 3.48 -15.09
N GLU A 21 -9.40 3.77 -16.13
CA GLU A 21 -9.64 4.98 -16.92
C GLU A 21 -10.99 4.92 -17.62
N ALA A 22 -11.32 3.77 -18.20
CA ALA A 22 -12.64 3.61 -18.83
C ALA A 22 -13.75 3.73 -17.80
N ASN A 23 -13.49 3.32 -16.56
CA ASN A 23 -14.47 3.49 -15.50
C ASN A 23 -14.71 4.97 -15.20
N VAL A 24 -13.64 5.76 -15.19
CA VAL A 24 -13.78 7.19 -14.94
C VAL A 24 -14.50 7.85 -16.11
N LYS A 25 -14.13 7.49 -17.34
CA LYS A 25 -14.76 8.07 -18.51
C LYS A 25 -16.26 7.82 -18.55
N GLN A 26 -16.68 6.62 -18.12
CA GLN A 26 -18.10 6.29 -18.15
C GLN A 26 -18.89 7.10 -17.13
N GLN A 27 -18.28 7.37 -15.96
CA GLN A 27 -18.91 8.25 -14.99
C GLN A 27 -19.00 9.68 -15.52
N ILE A 28 -17.94 10.13 -16.21
CA ILE A 28 -17.95 11.45 -16.81
C ILE A 28 -19.03 11.54 -17.88
N ASP A 29 -19.19 10.48 -18.67
CA ASP A 29 -20.20 10.47 -19.71
C ASP A 29 -21.60 10.58 -19.13
N TYR A 30 -21.84 9.93 -17.98
CA TYR A 30 -23.15 9.99 -17.36
C TYR A 30 -23.50 11.40 -16.91
N VAL A 31 -22.54 12.07 -16.27
CA VAL A 31 -22.79 13.43 -15.77
C VAL A 31 -23.02 14.39 -16.92
N GLU A 32 -22.19 14.28 -17.97
CA GLU A 32 -22.32 15.21 -19.10
C GLU A 32 -23.63 15.02 -19.85
N ALA A 33 -24.15 13.79 -19.89
CA ALA A 33 -25.42 13.55 -20.58
C ALA A 33 -26.58 14.18 -19.83
N LYS A 34 -26.49 14.27 -18.49
CA LYS A 34 -27.54 14.88 -17.70
C LYS A 34 -27.51 16.40 -17.74
N GLY A 35 -26.45 17.01 -18.26
CA GLY A 35 -26.38 18.44 -18.44
C GLY A 35 -25.71 19.15 -17.28
N PRO A 36 -25.50 20.46 -17.43
CA PRO A 36 -24.82 21.23 -16.39
C PRO A 36 -25.61 21.23 -15.09
N VAL A 37 -24.87 21.41 -13.99
CA VAL A 37 -25.47 21.57 -12.67
C VAL A 37 -25.72 23.06 -12.45
N VAL A 38 -26.99 23.46 -12.50
CA VAL A 38 -27.33 24.87 -12.41
C VAL A 38 -26.95 25.41 -11.03
N ASN A 39 -26.25 26.54 -11.02
CA ASN A 39 -25.84 27.22 -9.79
C ASN A 39 -24.95 26.31 -8.92
N GLY A 40 -24.11 25.51 -9.55
CA GLY A 40 -23.26 24.58 -8.84
C GLY A 40 -21.96 25.21 -8.38
N PRO A 41 -21.11 24.44 -7.71
CA PRO A 41 -19.85 24.98 -7.20
C PRO A 41 -18.81 25.13 -8.30
N LYS A 42 -17.85 26.01 -8.04
CA LYS A 42 -16.78 26.29 -8.99
C LYS A 42 -15.39 25.87 -8.50
N LYS A 43 -15.21 25.67 -7.19
CA LYS A 43 -13.92 25.29 -6.63
C LYS A 43 -14.19 24.36 -5.44
N VAL A 44 -13.91 23.07 -5.61
CA VAL A 44 -14.32 22.04 -4.66
C VAL A 44 -13.08 21.34 -4.12
N LEU A 45 -13.07 21.10 -2.81
CA LEU A 45 -12.10 20.25 -2.16
C LEU A 45 -12.79 18.95 -1.77
N VAL A 46 -12.26 17.83 -2.25
CA VAL A 46 -12.83 16.51 -1.97
C VAL A 46 -11.81 15.72 -1.18
N ILE A 47 -12.14 15.43 0.08
CA ILE A 47 -11.27 14.64 0.95
C ILE A 47 -11.70 13.18 0.82
N GLY A 48 -10.86 12.38 0.16
CA GLY A 48 -11.23 11.03 -0.21
C GLY A 48 -11.82 11.01 -1.60
N SER A 49 -11.01 11.38 -2.59
CA SER A 49 -11.49 11.71 -3.93
C SER A 49 -11.09 10.68 -4.98
N SER A 50 -10.49 9.56 -4.59
CA SER A 50 -9.93 8.63 -5.56
C SER A 50 -10.83 7.46 -5.91
N THR A 51 -11.73 7.05 -5.02
CA THR A 51 -12.61 5.92 -5.28
C THR A 51 -14.01 6.22 -4.75
N GLY A 52 -14.96 5.43 -5.22
CA GLY A 52 -16.29 5.38 -4.62
C GLY A 52 -17.04 6.70 -4.73
N TYR A 53 -17.70 7.07 -3.63
CA TYR A 53 -18.58 8.23 -3.62
C TYR A 53 -17.78 9.53 -3.71
N GLY A 54 -16.58 9.57 -3.15
CA GLY A 54 -15.76 10.76 -3.26
C GLY A 54 -15.32 11.04 -4.68
N LEU A 55 -14.93 9.98 -5.41
CA LEU A 55 -14.59 10.14 -6.82
C LEU A 55 -15.79 10.60 -7.62
N ALA A 56 -16.98 10.06 -7.31
CA ALA A 56 -18.20 10.53 -7.96
C ALA A 56 -18.46 12.00 -7.65
N ALA A 57 -18.16 12.44 -6.43
CA ALA A 57 -18.35 13.84 -6.07
C ALA A 57 -17.40 14.73 -6.85
N ARG A 58 -16.16 14.29 -7.04
CA ARG A 58 -15.21 15.09 -7.81
C ARG A 58 -15.58 15.13 -9.28
N ILE A 59 -16.17 14.05 -9.82
CA ILE A 59 -16.56 14.03 -11.22
C ILE A 59 -17.80 14.88 -11.44
N THR A 60 -18.75 14.84 -10.50
CA THR A 60 -19.95 15.66 -10.62
C THR A 60 -19.61 17.15 -10.55
N ALA A 61 -18.64 17.50 -9.70
CA ALA A 61 -18.26 18.90 -9.56
C ALA A 61 -17.54 19.41 -10.81
N ALA A 62 -16.55 18.65 -11.29
CA ALA A 62 -15.74 19.12 -12.41
C ALA A 62 -16.52 19.09 -13.72
N PHE A 63 -17.27 18.01 -13.97
CA PHE A 63 -17.91 17.80 -15.26
C PHE A 63 -19.39 18.12 -15.26
N GLY A 64 -19.98 18.41 -14.10
CA GLY A 64 -21.35 18.86 -14.06
C GLY A 64 -21.45 20.36 -13.84
N SER A 65 -20.49 20.90 -13.08
CA SER A 65 -20.50 22.31 -12.73
C SER A 65 -19.31 23.08 -13.29
N GLY A 66 -18.37 22.41 -13.95
CA GLY A 66 -17.17 23.08 -14.42
C GLY A 66 -16.28 23.56 -13.31
N ALA A 67 -16.22 22.82 -12.20
CA ALA A 67 -15.52 23.27 -11.01
C ALA A 67 -14.06 22.83 -11.04
N ASP A 68 -13.18 23.72 -10.60
CA ASP A 68 -11.83 23.31 -10.25
C ASP A 68 -11.87 22.46 -9.00
N THR A 69 -11.06 21.40 -8.97
CA THR A 69 -11.11 20.44 -7.87
C THR A 69 -9.71 20.16 -7.34
N LEU A 70 -9.57 20.18 -6.03
CA LEU A 70 -8.39 19.69 -5.32
C LEU A 70 -8.80 18.45 -4.56
N GLY A 71 -8.17 17.32 -4.87
CA GLY A 71 -8.51 16.04 -4.29
C GLY A 71 -7.44 15.55 -3.32
N VAL A 72 -7.88 14.99 -2.20
CA VAL A 72 -7.01 14.39 -1.21
C VAL A 72 -7.32 12.90 -1.14
N PHE A 73 -6.30 12.05 -1.25
CA PHE A 73 -6.49 10.61 -1.17
C PHE A 73 -5.22 9.97 -0.64
N PHE A 74 -5.29 8.66 -0.43
CA PHE A 74 -4.17 7.87 0.08
C PHE A 74 -4.08 6.62 -0.80
N GLU A 75 -3.22 6.66 -1.82
CA GLU A 75 -3.14 5.58 -2.79
C GLU A 75 -1.69 5.24 -3.08
N ARG A 76 -1.45 3.98 -3.43
CA ARG A 76 -0.12 3.52 -3.79
C ARG A 76 0.15 3.82 -5.26
N PRO A 77 1.22 4.55 -5.59
CA PRO A 77 1.48 4.84 -7.00
C PRO A 77 1.93 3.59 -7.74
N GLY A 78 1.95 3.71 -9.07
CA GLY A 78 2.40 2.64 -9.93
C GLY A 78 3.84 2.85 -10.35
N SER A 79 4.53 1.75 -10.59
CA SER A 79 5.90 1.78 -11.10
C SER A 79 6.02 0.78 -12.24
N GLU A 80 7.25 0.48 -12.66
CA GLU A 80 7.45 -0.58 -13.61
C GLU A 80 7.19 -1.93 -12.95
N SER A 81 6.27 -2.70 -13.55
CA SER A 81 5.99 -4.09 -13.19
C SER A 81 5.37 -4.24 -11.81
N LYS A 82 4.86 -3.17 -11.21
CA LYS A 82 4.10 -3.25 -9.96
C LYS A 82 2.93 -2.27 -10.02
N PRO A 83 1.72 -2.75 -10.26
CA PRO A 83 0.57 -1.84 -10.36
C PRO A 83 0.22 -1.22 -9.02
N GLY A 84 -0.13 0.06 -9.04
CA GLY A 84 -0.64 0.73 -7.87
C GLY A 84 -2.08 0.35 -7.58
N THR A 85 -2.69 1.12 -6.70
CA THR A 85 -4.08 0.86 -6.36
C THR A 85 -5.01 1.47 -7.41
N ALA A 86 -6.27 1.03 -7.39
CA ALA A 86 -7.25 1.52 -8.35
C ALA A 86 -7.46 3.03 -8.20
N GLY A 87 -7.43 3.53 -6.96
CA GLY A 87 -7.62 4.95 -6.75
C GLY A 87 -6.53 5.79 -7.38
N TRP A 88 -5.33 5.24 -7.53
CA TRP A 88 -4.26 5.97 -8.20
C TRP A 88 -4.59 6.18 -9.68
N TYR A 89 -4.99 5.10 -10.36
CA TYR A 89 -5.30 5.21 -11.78
C TYR A 89 -6.63 5.93 -12.01
N ASN A 90 -7.56 5.85 -11.07
CA ASN A 90 -8.78 6.64 -11.16
C ASN A 90 -8.45 8.13 -11.15
N SER A 91 -7.63 8.56 -10.20
CA SER A 91 -7.28 9.97 -10.10
C SER A 91 -6.43 10.42 -11.29
N ALA A 92 -5.51 9.57 -11.74
CA ALA A 92 -4.71 9.90 -12.91
C ALA A 92 -5.59 10.14 -14.13
N ALA A 93 -6.62 9.31 -14.30
CA ALA A 93 -7.52 9.48 -15.43
C ALA A 93 -8.41 10.70 -15.25
N PHE A 94 -8.83 10.97 -14.02
CA PHE A 94 -9.69 12.12 -13.77
C PHE A 94 -8.99 13.42 -14.17
N GLU A 95 -7.77 13.63 -13.68
CA GLU A 95 -7.04 14.86 -13.99
C GLU A 95 -6.75 14.97 -15.48
N LYS A 96 -6.50 13.86 -16.15
CA LYS A 96 -6.25 13.89 -17.59
C LYS A 96 -7.49 14.37 -18.34
N PHE A 97 -8.66 13.86 -17.97
CA PHE A 97 -9.90 14.30 -18.61
C PHE A 97 -10.25 15.72 -18.19
N ALA A 98 -10.00 16.07 -16.93
CA ALA A 98 -10.34 17.40 -16.44
C ALA A 98 -9.48 18.48 -17.09
N HIS A 99 -8.19 18.22 -17.25
CA HIS A 99 -7.32 19.19 -17.90
C HIS A 99 -7.72 19.40 -19.36
N GLU A 100 -8.34 18.40 -19.98
CA GLU A 100 -8.81 18.53 -21.35
C GLU A 100 -9.87 19.63 -21.46
N LYS A 101 -10.90 19.55 -20.62
CA LYS A 101 -11.95 20.56 -20.60
C LYS A 101 -11.47 21.92 -20.11
N GLY A 102 -10.19 22.09 -19.81
CA GLY A 102 -9.68 23.37 -19.36
C GLY A 102 -9.73 23.58 -17.85
N LEU A 103 -10.15 22.59 -17.08
CA LEU A 103 -10.31 22.75 -15.65
C LEU A 103 -8.99 22.53 -14.92
N TYR A 104 -8.89 23.13 -13.73
CA TYR A 104 -7.78 22.87 -12.83
C TYR A 104 -8.08 21.60 -12.04
N ALA A 105 -7.11 20.69 -12.01
CA ALA A 105 -7.25 19.43 -11.28
C ALA A 105 -5.89 19.08 -10.67
N ARG A 106 -5.81 19.11 -9.35
CA ARG A 106 -4.60 18.75 -8.63
C ARG A 106 -4.97 17.81 -7.49
N SER A 107 -3.99 17.06 -7.00
CA SER A 107 -4.25 16.03 -6.01
C SER A 107 -3.16 16.03 -4.95
N ILE A 108 -3.53 15.59 -3.75
CA ILE A 108 -2.62 15.47 -2.61
C ILE A 108 -2.70 14.03 -2.12
N ASN A 109 -1.56 13.34 -2.10
CA ASN A 109 -1.48 11.96 -1.64
C ASN A 109 -0.92 11.96 -0.23
N GLY A 110 -1.77 11.69 0.75
CA GLY A 110 -1.33 11.69 2.13
C GLY A 110 -2.47 11.35 3.06
N ASP A 111 -2.12 11.26 4.34
CA ASP A 111 -3.08 10.90 5.39
C ASP A 111 -3.88 12.14 5.76
N ALA A 112 -5.16 12.17 5.36
CA ALA A 112 -6.01 13.33 5.62
C ALA A 112 -6.27 13.55 7.11
N PHE A 113 -6.07 12.54 7.95
CA PHE A 113 -6.20 12.73 9.39
C PHE A 113 -5.03 13.51 9.99
N SER A 114 -3.94 13.66 9.25
CA SER A 114 -2.75 14.31 9.78
C SER A 114 -2.85 15.83 9.64
N ASP A 115 -2.11 16.53 10.50
CA ASP A 115 -2.09 17.99 10.46
C ASP A 115 -1.29 18.51 9.27
N GLU A 116 -0.34 17.72 8.76
CA GLU A 116 0.49 18.19 7.65
C GLU A 116 -0.29 18.24 6.35
N VAL A 117 -1.14 17.25 6.09
CA VAL A 117 -1.95 17.26 4.88
C VAL A 117 -2.90 18.45 4.89
N LYS A 118 -3.51 18.74 6.05
CA LYS A 118 -4.32 19.94 6.17
C LYS A 118 -3.50 21.19 5.90
N ARG A 119 -2.25 21.22 6.38
CA ARG A 119 -1.38 22.36 6.12
C ARG A 119 -1.06 22.47 4.63
N LEU A 120 -0.79 21.34 3.98
CA LEU A 120 -0.48 21.36 2.55
C LEU A 120 -1.72 21.69 1.72
N THR A 121 -2.89 21.18 2.13
CA THR A 121 -4.12 21.48 1.41
C THR A 121 -4.44 22.97 1.49
N ILE A 122 -4.30 23.56 2.68
CA ILE A 122 -4.51 24.99 2.84
C ILE A 122 -3.53 25.78 1.98
N GLU A 123 -2.25 25.39 2.04
CA GLU A 123 -1.24 26.06 1.23
C GLU A 123 -1.54 25.97 -0.25
N THR A 124 -2.00 24.80 -0.70
CA THR A 124 -2.29 24.63 -2.12
C THR A 124 -3.50 25.45 -2.54
N ILE A 125 -4.52 25.53 -1.68
CA ILE A 125 -5.72 26.31 -2.01
C ILE A 125 -5.37 27.79 -2.12
N LYS A 126 -4.57 28.30 -1.19
CA LYS A 126 -4.16 29.70 -1.24
C LYS A 126 -3.46 30.02 -2.55
N ARG A 127 -2.50 29.17 -2.95
CA ARG A 127 -1.69 29.46 -4.13
C ARG A 127 -2.46 29.19 -5.41
N ASP A 128 -3.24 28.12 -5.46
CA ASP A 128 -3.86 27.65 -6.70
C ASP A 128 -5.30 28.14 -6.90
N LEU A 129 -6.06 28.28 -5.82
CA LEU A 129 -7.48 28.63 -5.94
C LEU A 129 -7.89 29.86 -5.14
N GLY A 130 -7.21 30.19 -4.05
CA GLY A 130 -7.65 31.28 -3.20
C GLY A 130 -8.62 30.78 -2.14
N LYS A 131 -9.87 30.52 -2.54
CA LYS A 131 -10.87 29.97 -1.64
C LYS A 131 -11.64 28.88 -2.38
N VAL A 132 -12.32 28.02 -1.62
CA VAL A 132 -13.05 26.90 -2.18
C VAL A 132 -14.54 27.09 -1.95
N ASP A 133 -15.34 26.57 -2.87
CA ASP A 133 -16.80 26.67 -2.77
C ASP A 133 -17.37 25.60 -1.86
N LEU A 134 -16.88 24.37 -1.96
CA LEU A 134 -17.51 23.23 -1.33
C LEU A 134 -16.44 22.26 -0.85
N VAL A 135 -16.69 21.63 0.30
CA VAL A 135 -15.77 20.67 0.90
C VAL A 135 -16.52 19.35 1.07
N VAL A 136 -16.16 18.34 0.28
CA VAL A 136 -16.76 17.02 0.35
C VAL A 136 -15.88 16.15 1.23
N TYR A 137 -16.46 15.59 2.29
CA TYR A 137 -15.74 14.75 3.23
C TYR A 137 -16.27 13.32 3.09
N SER A 138 -15.49 12.45 2.42
CA SER A 138 -15.87 11.07 2.19
C SER A 138 -14.66 10.17 2.45
N LEU A 139 -14.21 10.13 3.70
CA LEU A 139 -13.12 9.24 4.11
C LEU A 139 -13.69 7.92 4.59
N ALA A 140 -13.13 6.82 4.09
CA ALA A 140 -13.49 5.47 4.53
C ALA A 140 -12.19 4.78 4.95
N ALA A 141 -11.90 4.80 6.26
CA ALA A 141 -10.64 4.28 6.76
C ALA A 141 -10.88 3.22 7.82
N PRO A 142 -10.14 2.11 7.76
CA PRO A 142 -10.22 1.11 8.84
C PRO A 142 -9.48 1.52 10.10
N ARG A 143 -8.72 2.61 10.06
CA ARG A 143 -7.92 3.04 11.19
C ARG A 143 -7.60 4.52 11.04
N ARG A 144 -7.31 5.17 12.17
CA ARG A 144 -6.93 6.57 12.19
C ARG A 144 -5.87 6.78 13.26
N THR A 145 -4.81 7.50 12.91
CA THR A 145 -3.80 7.93 13.85
C THR A 145 -4.15 9.35 14.31
N HIS A 146 -4.38 9.53 15.59
CA HIS A 146 -4.74 10.84 16.11
C HIS A 146 -3.62 11.84 15.81
N PRO A 147 -3.89 13.01 15.17
CA PRO A 147 -2.79 13.91 14.76
C PRO A 147 -2.14 14.67 15.93
N LYS A 148 -2.50 14.35 17.16
CA LYS A 148 -1.97 15.12 18.32
C LYS A 148 -1.34 14.15 19.34
N THR A 149 -1.85 12.93 19.43
CA THR A 149 -1.34 11.99 20.46
C THR A 149 -0.77 10.73 19.80
N GLY A 150 -0.66 10.73 18.47
CA GLY A 150 -0.13 9.58 17.76
C GLY A 150 -0.83 8.27 18.08
N GLU A 151 -1.83 8.27 18.95
CA GLU A 151 -2.55 7.06 19.27
C GLU A 151 -3.35 6.58 18.06
N VAL A 152 -3.22 5.31 17.73
CA VAL A 152 -3.89 4.72 16.57
C VAL A 152 -5.18 4.07 17.04
N PHE A 153 -6.29 4.44 16.39
CA PHE A 153 -7.59 3.83 16.62
C PHE A 153 -7.95 2.95 15.44
N SER A 154 -8.45 1.76 15.72
CA SER A 154 -8.89 0.82 14.70
C SER A 154 -10.40 0.62 14.83
N SER A 155 -11.11 0.76 13.72
CA SER A 155 -12.57 0.66 13.76
C SER A 155 -13.02 -0.78 13.69
N THR A 156 -14.20 -1.05 14.25
CA THR A 156 -14.78 -2.38 14.28
C THR A 156 -16.22 -2.31 13.82
N LEU A 157 -16.67 -3.38 13.16
CA LEU A 157 -18.04 -3.50 12.66
C LEU A 157 -18.72 -4.64 13.42
N LYS A 158 -19.18 -4.32 14.63
CA LYS A 158 -19.86 -5.26 15.50
C LYS A 158 -21.13 -4.62 16.03
N PRO A 159 -22.12 -5.43 16.40
CA PRO A 159 -23.30 -4.89 17.09
C PRO A 159 -22.94 -4.48 18.51
N ILE A 160 -23.82 -3.68 19.10
CA ILE A 160 -23.67 -3.20 20.46
C ILE A 160 -24.73 -3.86 21.33
N GLY A 161 -24.30 -4.41 22.47
CA GLY A 161 -25.22 -5.09 23.36
C GLY A 161 -25.19 -6.59 23.21
N LYS A 162 -25.92 -7.10 22.23
CA LYS A 162 -26.05 -8.53 22.02
C LYS A 162 -25.33 -8.95 20.73
N SER A 163 -24.79 -10.17 20.75
CA SER A 163 -24.27 -10.76 19.54
C SER A 163 -25.41 -11.11 18.59
N VAL A 164 -25.10 -11.19 17.30
CA VAL A 164 -26.09 -11.39 16.26
C VAL A 164 -25.73 -12.60 15.42
N SER A 165 -26.74 -13.41 15.09
CA SER A 165 -26.62 -14.52 14.16
C SER A 165 -27.32 -14.16 12.86
N PHE A 166 -26.76 -14.64 11.74
CA PHE A 166 -27.40 -14.50 10.44
C PHE A 166 -26.70 -15.43 9.46
N ARG A 167 -27.30 -15.56 8.28
CA ARG A 167 -26.76 -16.40 7.21
C ARG A 167 -25.97 -15.52 6.25
N GLY A 168 -24.64 -15.66 6.29
CA GLY A 168 -23.76 -14.89 5.44
C GLY A 168 -23.47 -15.60 4.13
N LEU A 169 -22.52 -15.03 3.38
CA LEU A 169 -22.15 -15.54 2.07
C LEU A 169 -20.64 -15.54 1.93
N ASP A 170 -20.04 -16.73 1.90
CA ASP A 170 -18.63 -16.87 1.58
C ASP A 170 -18.43 -16.55 0.10
N THR A 171 -17.89 -15.37 -0.19
CA THR A 171 -17.80 -14.92 -1.58
C THR A 171 -16.75 -15.67 -2.38
N ASP A 172 -15.76 -16.27 -1.72
CA ASP A 172 -14.73 -17.02 -2.44
C ASP A 172 -15.24 -18.40 -2.82
N LYS A 173 -15.72 -19.16 -1.84
CA LYS A 173 -16.30 -20.47 -2.11
C LYS A 173 -17.72 -20.39 -2.65
N GLU A 174 -18.32 -19.20 -2.66
CA GLU A 174 -19.69 -18.99 -3.15
C GLU A 174 -20.66 -19.89 -2.38
N VAL A 175 -20.60 -19.80 -1.06
CA VAL A 175 -21.30 -20.70 -0.15
C VAL A 175 -22.03 -19.88 0.90
N ILE A 176 -23.25 -20.29 1.24
CA ILE A 176 -24.00 -19.67 2.32
C ILE A 176 -23.51 -20.26 3.64
N LYS A 177 -23.05 -19.39 4.53
CA LYS A 177 -22.44 -19.80 5.79
C LYS A 177 -23.25 -19.27 6.97
N ASP A 178 -23.40 -20.11 7.98
CA ASP A 178 -24.00 -19.68 9.25
C ASP A 178 -22.93 -19.00 10.08
N VAL A 179 -23.16 -17.72 10.42
CA VAL A 179 -22.17 -16.92 11.12
C VAL A 179 -22.78 -16.29 12.37
N VAL A 180 -21.90 -15.90 13.28
CA VAL A 180 -22.27 -15.19 14.51
C VAL A 180 -21.26 -14.08 14.74
N LEU A 181 -21.76 -12.87 14.92
CA LEU A 181 -20.94 -11.70 15.19
C LEU A 181 -21.07 -11.33 16.66
N GLU A 182 -19.96 -11.40 17.40
CA GLU A 182 -20.00 -11.05 18.81
C GLU A 182 -20.23 -9.55 18.98
N ALA A 183 -20.62 -9.17 20.20
CA ALA A 183 -20.87 -7.77 20.51
C ALA A 183 -19.56 -7.00 20.55
N ALA A 184 -19.65 -5.68 20.72
CA ALA A 184 -18.50 -4.81 20.77
C ALA A 184 -18.33 -4.26 22.19
N SER A 185 -17.09 -4.19 22.64
CA SER A 185 -16.81 -3.61 23.93
C SER A 185 -16.92 -2.08 23.86
N ASP A 186 -16.96 -1.45 25.03
CA ASP A 186 -17.04 0.01 25.08
C ASP A 186 -15.83 0.65 24.43
N GLN A 187 -14.68 -0.03 24.42
CA GLN A 187 -13.48 0.51 23.81
C GLN A 187 -13.53 0.40 22.29
N GLU A 188 -14.03 -0.72 21.76
CA GLU A 188 -14.16 -0.87 20.32
C GLU A 188 -15.09 0.18 19.73
N VAL A 189 -16.15 0.52 20.45
CA VAL A 189 -17.06 1.56 20.00
C VAL A 189 -16.39 2.93 20.07
N ALA A 190 -15.60 3.17 21.13
CA ALA A 190 -14.88 4.43 21.24
C ALA A 190 -13.87 4.60 20.13
N ASP A 191 -13.16 3.51 19.78
CA ASP A 191 -12.22 3.55 18.66
C ASP A 191 -12.94 3.83 17.35
N THR A 192 -14.07 3.15 17.12
CA THR A 192 -14.80 3.32 15.87
C THR A 192 -15.32 4.75 15.72
N VAL A 193 -15.75 5.36 16.82
CA VAL A 193 -16.19 6.75 16.76
C VAL A 193 -14.99 7.66 16.46
N ALA A 194 -13.82 7.34 17.00
CA ALA A 194 -12.64 8.14 16.74
C ALA A 194 -12.26 8.09 15.26
N VAL A 195 -12.40 6.92 14.63
CA VAL A 195 -12.02 6.78 13.23
C VAL A 195 -13.10 7.35 12.31
N MET A 196 -14.33 6.88 12.46
CA MET A 196 -15.40 7.17 11.52
C MET A 196 -16.34 8.28 11.99
N GLY A 197 -16.08 8.89 13.14
CA GLY A 197 -16.90 9.97 13.64
C GLY A 197 -16.63 11.28 12.93
N GLY A 198 -17.00 12.37 13.58
CA GLY A 198 -16.93 13.68 12.98
C GLY A 198 -15.81 14.57 13.42
N GLU A 199 -14.89 14.07 14.26
CA GLU A 199 -13.86 14.95 14.83
C GLU A 199 -12.92 15.48 13.77
N ASP A 200 -12.46 14.62 12.86
CA ASP A 200 -11.51 15.06 11.84
C ASP A 200 -12.17 16.00 10.84
N TRP A 201 -13.39 15.68 10.41
CA TRP A 201 -14.18 16.62 9.61
C TRP A 201 -14.32 17.95 10.35
N GLN A 202 -14.53 17.89 11.66
CA GLN A 202 -14.58 19.09 12.49
C GLN A 202 -13.26 19.83 12.46
N MET A 203 -12.15 19.09 12.54
CA MET A 203 -10.82 19.70 12.45
C MET A 203 -10.61 20.35 11.08
N TRP A 204 -11.04 19.67 10.01
CA TRP A 204 -10.84 20.19 8.67
C TRP A 204 -11.49 21.56 8.49
N ILE A 205 -12.78 21.68 8.84
CA ILE A 205 -13.49 22.93 8.63
C ILE A 205 -12.92 24.03 9.52
N ASP A 206 -12.57 23.68 10.77
CA ASP A 206 -11.91 24.65 11.64
C ASP A 206 -10.66 25.21 10.98
N ALA A 207 -9.74 24.32 10.59
CA ALA A 207 -8.48 24.76 9.99
C ALA A 207 -8.71 25.54 8.71
N LEU A 208 -9.68 25.12 7.89
CA LEU A 208 -9.98 25.87 6.67
C LEU A 208 -10.57 27.23 6.98
N LEU A 209 -11.19 27.39 8.15
CA LEU A 209 -11.78 28.68 8.51
C LEU A 209 -10.72 29.66 9.00
N GLU A 210 -9.78 29.20 9.83
CA GLU A 210 -8.73 30.09 10.32
C GLU A 210 -7.92 30.68 9.17
N ALA A 211 -7.60 29.85 8.17
CA ALA A 211 -6.79 30.30 7.05
C ALA A 211 -7.55 31.13 6.04
N ASP A 212 -8.87 31.26 6.19
CA ASP A 212 -9.70 32.10 5.32
C ASP A 212 -9.67 31.62 3.87
N VAL A 213 -9.76 30.30 3.68
CA VAL A 213 -9.84 29.73 2.34
C VAL A 213 -11.22 29.15 2.08
N LEU A 214 -12.23 29.59 2.83
CA LEU A 214 -13.62 29.21 2.60
C LEU A 214 -14.36 30.42 2.05
N ALA A 215 -14.94 30.26 0.86
CA ALA A 215 -15.62 31.38 0.21
C ALA A 215 -16.93 31.70 0.93
N ASP A 216 -17.54 32.81 0.50
CA ASP A 216 -18.84 33.20 1.03
C ASP A 216 -19.90 32.20 0.61
N GLY A 217 -20.72 31.77 1.57
CA GLY A 217 -21.71 30.75 1.30
C GLY A 217 -21.14 29.36 1.08
N ALA A 218 -19.96 29.08 1.61
CA ALA A 218 -19.32 27.80 1.36
C ALA A 218 -20.10 26.67 2.03
N LYS A 219 -20.10 25.51 1.38
CA LYS A 219 -20.83 24.34 1.84
C LYS A 219 -19.85 23.21 2.13
N THR A 220 -20.22 22.37 3.08
CA THR A 220 -19.49 21.13 3.35
C THR A 220 -20.48 20.03 3.66
N THR A 221 -20.18 18.82 3.19
CA THR A 221 -21.04 17.68 3.44
C THR A 221 -20.19 16.44 3.68
N ALA A 222 -20.68 15.58 4.56
CA ALA A 222 -20.07 14.29 4.84
C ALA A 222 -21.06 13.18 4.51
N PHE A 223 -20.55 12.08 3.96
CA PHE A 223 -21.39 10.99 3.51
C PHE A 223 -21.62 9.97 4.62
N THR A 224 -22.79 9.35 4.61
CA THR A 224 -23.18 8.42 5.65
C THR A 224 -24.16 7.41 5.09
N TYR A 225 -24.40 6.36 5.86
CA TYR A 225 -25.38 5.33 5.52
C TYR A 225 -26.25 5.05 6.74
N LEU A 226 -27.56 4.95 6.51
CA LEU A 226 -28.51 4.61 7.56
C LEU A 226 -29.15 3.25 7.35
N GLY A 227 -29.48 2.89 6.12
CA GLY A 227 -30.09 1.61 5.82
C GLY A 227 -31.46 1.46 6.45
N GLU A 228 -32.01 0.26 6.29
CA GLU A 228 -33.31 -0.07 6.87
C GLU A 228 -33.13 -1.12 7.97
N LYS A 229 -34.26 -1.71 8.38
CA LYS A 229 -34.28 -2.56 9.57
C LYS A 229 -33.35 -3.76 9.45
N ILE A 230 -33.16 -4.28 8.24
CA ILE A 230 -32.41 -5.52 8.07
C ILE A 230 -30.95 -5.34 8.50
N THR A 231 -30.42 -4.12 8.40
CA THR A 231 -29.02 -3.85 8.71
C THR A 231 -28.81 -3.06 9.99
N HIS A 232 -29.89 -2.73 10.70
CA HIS A 232 -29.76 -1.80 11.83
C HIS A 232 -28.97 -2.41 12.98
N ASP A 233 -29.08 -3.72 13.19
CA ASP A 233 -28.34 -4.36 14.28
C ASP A 233 -26.84 -4.26 14.08
N ILE A 234 -26.38 -4.47 12.84
CA ILE A 234 -24.95 -4.41 12.55
C ILE A 234 -24.49 -2.97 12.35
N TYR A 235 -25.19 -2.23 11.49
CA TYR A 235 -24.73 -0.90 11.09
C TYR A 235 -25.21 0.19 12.04
N TRP A 236 -26.42 0.71 11.80
CA TRP A 236 -26.85 1.95 12.43
C TRP A 236 -26.87 1.86 13.95
N ASN A 237 -27.35 0.72 14.49
CA ASN A 237 -27.33 0.50 15.93
C ASN A 237 -26.13 -0.33 16.36
N GLY A 238 -25.08 -0.37 15.56
CA GLY A 238 -23.85 -1.03 15.90
C GLY A 238 -22.73 -0.05 16.19
N SER A 239 -21.50 -0.56 16.14
CA SER A 239 -20.34 0.28 16.42
C SER A 239 -20.16 1.35 15.34
N ILE A 240 -20.32 0.97 14.07
CA ILE A 240 -20.16 1.93 12.99
C ILE A 240 -21.28 2.96 13.00
N GLY A 241 -22.47 2.58 13.44
CA GLY A 241 -23.56 3.53 13.54
C GLY A 241 -23.36 4.57 14.61
N ALA A 242 -22.72 4.18 15.73
CA ALA A 242 -22.38 5.14 16.77
C ALA A 242 -21.42 6.20 16.24
N ALA A 243 -20.55 5.84 15.31
CA ALA A 243 -19.66 6.82 14.68
C ALA A 243 -20.44 7.75 13.77
N LYS A 244 -21.33 7.21 12.94
CA LYS A 244 -22.16 8.04 12.09
C LYS A 244 -23.15 8.85 12.92
N LYS A 245 -23.56 8.34 14.08
CA LYS A 245 -24.38 9.13 15.00
C LYS A 245 -23.58 10.31 15.55
N ASP A 246 -22.27 10.11 15.76
CA ASP A 246 -21.41 11.22 16.17
C ASP A 246 -21.28 12.27 15.07
N LEU A 247 -21.42 11.84 13.80
CA LEU A 247 -21.42 12.78 12.69
C LEU A 247 -22.59 13.76 12.79
N ASP A 248 -23.76 13.27 13.20
CA ASP A 248 -24.93 14.13 13.29
C ASP A 248 -24.78 15.17 14.41
N GLN A 249 -24.04 14.85 15.46
CA GLN A 249 -23.78 15.83 16.50
C GLN A 249 -22.75 16.86 16.05
N LYS A 250 -21.74 16.42 15.30
CA LYS A 250 -20.68 17.32 14.88
C LYS A 250 -21.18 18.33 13.86
N VAL A 251 -22.06 17.91 12.95
CA VAL A 251 -22.51 18.79 11.88
C VAL A 251 -23.23 20.01 12.43
N LEU A 252 -23.86 19.88 13.61
CA LEU A 252 -24.52 21.04 14.21
C LEU A 252 -23.50 22.10 14.58
N GLY A 253 -22.35 21.69 15.10
CA GLY A 253 -21.28 22.64 15.38
C GLY A 253 -20.68 23.21 14.11
N ILE A 254 -20.45 22.36 13.11
CA ILE A 254 -19.88 22.84 11.84
C ILE A 254 -20.77 23.89 11.22
N ARG A 255 -22.08 23.61 11.17
CA ARG A 255 -23.02 24.54 10.55
C ARG A 255 -23.01 25.88 11.24
N ASP A 256 -22.73 25.92 12.55
CA ASP A 256 -22.68 27.17 13.28
C ASP A 256 -21.46 28.00 12.87
N ARG A 257 -20.29 27.37 12.79
CA ARG A 257 -19.07 28.09 12.44
C ARG A 257 -19.14 28.67 11.04
N LEU A 258 -19.93 28.05 10.16
CA LEU A 258 -20.09 28.54 8.80
C LEU A 258 -21.15 29.63 8.66
N ALA A 259 -21.81 30.00 9.76
CA ALA A 259 -22.88 31.00 9.68
C ALA A 259 -22.35 32.38 9.33
N PRO A 260 -21.27 32.90 9.94
CA PRO A 260 -20.76 34.22 9.53
C PRO A 260 -20.40 34.31 8.06
N LEU A 261 -20.09 33.19 7.41
CA LEU A 261 -19.89 33.17 5.97
C LEU A 261 -21.21 33.06 5.21
N GLY A 262 -22.30 32.74 5.89
CA GLY A 262 -23.53 32.40 5.18
C GLY A 262 -23.49 31.02 4.56
N GLY A 263 -22.75 30.09 5.16
CA GLY A 263 -22.57 28.76 4.61
C GLY A 263 -23.45 27.72 5.29
N ASP A 264 -23.19 26.47 4.93
CA ASP A 264 -24.02 25.37 5.42
C ASP A 264 -23.18 24.10 5.53
N ALA A 265 -23.57 23.25 6.47
CA ALA A 265 -22.96 21.94 6.67
C ALA A 265 -24.08 20.90 6.77
N ARG A 266 -23.98 19.83 5.99
CA ARG A 266 -25.03 18.83 5.95
C ARG A 266 -24.43 17.44 5.94
N VAL A 267 -25.14 16.50 6.55
CA VAL A 267 -24.83 15.08 6.40
C VAL A 267 -25.67 14.52 5.27
N SER A 268 -25.01 13.88 4.31
CA SER A 268 -25.67 13.36 3.11
C SER A 268 -25.72 11.84 3.19
N VAL A 269 -26.93 11.29 3.14
CA VAL A 269 -27.14 9.85 3.22
C VAL A 269 -27.25 9.30 1.81
N LEU A 270 -26.42 8.30 1.49
CA LEU A 270 -26.41 7.66 0.19
C LEU A 270 -26.76 6.19 0.33
N LYS A 271 -27.01 5.56 -0.82
CA LYS A 271 -27.45 4.18 -0.84
C LYS A 271 -26.27 3.21 -0.73
N ALA A 272 -26.59 1.97 -0.37
CA ALA A 272 -25.56 0.93 -0.28
C ALA A 272 -25.05 0.58 -1.66
N VAL A 273 -23.72 0.53 -1.79
CA VAL A 273 -23.06 0.32 -3.07
C VAL A 273 -21.82 -0.53 -2.84
N VAL A 274 -21.49 -1.36 -3.83
CA VAL A 274 -20.25 -2.14 -3.78
C VAL A 274 -19.07 -1.18 -3.90
N THR A 275 -18.34 -1.01 -2.82
CA THR A 275 -17.04 -0.34 -2.82
C THR A 275 -16.04 -1.26 -2.14
N GLN A 276 -14.79 -0.79 -2.04
CA GLN A 276 -13.81 -1.52 -1.26
C GLN A 276 -14.04 -1.39 0.24
N ALA A 277 -14.78 -0.36 0.66
CA ALA A 277 -15.04 -0.13 2.08
C ALA A 277 -16.31 -0.79 2.57
N SER A 278 -17.28 -1.06 1.69
CA SER A 278 -18.53 -1.71 2.09
C SER A 278 -18.54 -3.21 1.80
N SER A 279 -17.73 -3.69 0.85
CA SER A 279 -17.62 -5.12 0.62
C SER A 279 -17.06 -5.85 1.83
N ALA A 280 -16.37 -5.13 2.71
CA ALA A 280 -15.80 -5.73 3.91
C ALA A 280 -16.81 -5.84 5.04
N ILE A 281 -17.81 -4.97 5.06
CA ILE A 281 -18.78 -4.94 6.15
C ILE A 281 -19.50 -6.29 6.24
N PRO A 282 -19.71 -6.85 7.42
CA PRO A 282 -20.51 -8.08 7.53
C PRO A 282 -21.89 -7.90 6.92
N MET A 283 -22.49 -9.01 6.51
CA MET A 283 -23.83 -9.11 5.93
C MET A 283 -23.99 -8.37 4.61
N MET A 284 -23.02 -7.52 4.24
CA MET A 284 -23.13 -6.69 3.05
C MET A 284 -23.12 -7.47 1.74
N PRO A 285 -22.23 -8.45 1.55
CA PRO A 285 -22.24 -9.19 0.28
C PRO A 285 -23.57 -9.84 -0.05
N LEU A 286 -24.22 -10.49 0.91
CA LEU A 286 -25.52 -11.09 0.64
C LEU A 286 -26.59 -10.02 0.50
N TYR A 287 -26.53 -8.97 1.32
CA TYR A 287 -27.51 -7.90 1.23
C TYR A 287 -27.42 -7.19 -0.11
N LEU A 288 -26.20 -6.92 -0.58
CA LEU A 288 -26.04 -6.25 -1.87
C LEU A 288 -26.46 -7.15 -3.02
N SER A 289 -26.18 -8.44 -2.93
CA SER A 289 -26.59 -9.36 -3.99
C SER A 289 -28.10 -9.43 -4.11
N LEU A 290 -28.81 -9.47 -2.97
CA LEU A 290 -30.27 -9.46 -2.99
C LEU A 290 -30.79 -8.10 -3.44
N LEU A 291 -30.29 -7.02 -2.84
CA LEU A 291 -30.77 -5.68 -3.16
C LEU A 291 -30.57 -5.36 -4.64
N PHE A 292 -29.48 -5.84 -5.23
CA PHE A 292 -29.23 -5.58 -6.64
C PHE A 292 -30.27 -6.27 -7.52
N LYS A 293 -30.65 -7.49 -7.19
CA LYS A 293 -31.65 -8.20 -7.98
C LYS A 293 -33.03 -7.58 -7.82
N VAL A 294 -33.41 -7.23 -6.58
CA VAL A 294 -34.73 -6.67 -6.34
C VAL A 294 -34.87 -5.30 -6.98
N MET A 295 -33.82 -4.48 -6.91
CA MET A 295 -33.90 -3.14 -7.46
C MET A 295 -33.73 -3.13 -8.99
N LYS A 296 -33.05 -4.13 -9.55
CA LYS A 296 -32.92 -4.20 -11.00
C LYS A 296 -34.23 -4.57 -11.66
N GLU A 297 -34.89 -5.62 -11.14
CA GLU A 297 -36.21 -5.99 -11.67
C GLU A 297 -37.24 -4.89 -11.44
N GLN A 298 -37.02 -4.04 -10.46
CA GLN A 298 -37.87 -2.89 -10.20
C GLN A 298 -37.40 -1.64 -10.96
N GLY A 299 -36.17 -1.65 -11.48
CA GLY A 299 -35.70 -0.55 -12.28
C GLY A 299 -35.14 0.62 -11.51
N THR A 300 -34.76 0.42 -10.25
CA THR A 300 -34.22 1.49 -9.42
C THR A 300 -32.76 1.28 -9.06
N HIS A 301 -32.10 0.32 -9.69
CA HIS A 301 -30.70 0.04 -9.38
C HIS A 301 -29.83 1.23 -9.78
N GLU A 302 -29.01 1.70 -8.85
CA GLU A 302 -28.14 2.84 -9.07
C GLU A 302 -26.75 2.55 -8.51
N GLY A 303 -25.75 3.17 -9.11
CA GLY A 303 -24.39 3.08 -8.66
C GLY A 303 -23.90 4.36 -8.01
N CYS A 304 -22.57 4.52 -7.99
CA CYS A 304 -21.97 5.63 -7.26
C CYS A 304 -22.28 6.96 -7.93
N ILE A 305 -22.11 7.06 -9.25
CA ILE A 305 -22.21 8.34 -9.93
C ILE A 305 -23.66 8.81 -9.99
N GLU A 306 -24.63 7.88 -10.11
CA GLU A 306 -26.03 8.30 -10.17
C GLU A 306 -26.47 8.91 -8.85
N GLN A 307 -25.98 8.37 -7.73
CA GLN A 307 -26.36 8.86 -6.41
C GLN A 307 -25.84 10.28 -6.19
N VAL A 308 -24.55 10.49 -6.44
CA VAL A 308 -23.93 11.78 -6.13
C VAL A 308 -24.35 12.85 -7.12
N ASP A 309 -24.50 12.47 -8.40
CA ASP A 309 -25.00 13.43 -9.39
C ASP A 309 -26.41 13.91 -9.01
N GLY A 310 -27.26 13.00 -8.55
CA GLY A 310 -28.58 13.40 -8.10
C GLY A 310 -28.54 14.23 -6.83
N LEU A 311 -27.57 13.96 -5.95
CA LEU A 311 -27.48 14.72 -4.72
C LEU A 311 -27.07 16.17 -4.99
N TYR A 312 -26.13 16.37 -5.91
CA TYR A 312 -25.77 17.73 -6.33
C TYR A 312 -26.98 18.47 -6.89
N ARG A 313 -27.72 17.81 -7.79
CA ARG A 313 -28.72 18.50 -8.59
C ARG A 313 -29.97 18.84 -7.78
N GLU A 314 -30.36 17.96 -6.85
CA GLU A 314 -31.63 18.13 -6.15
C GLU A 314 -31.49 18.72 -4.76
N SER A 315 -30.39 18.44 -4.06
CA SER A 315 -30.28 18.79 -2.65
C SER A 315 -29.13 19.74 -2.36
N LEU A 316 -27.90 19.39 -2.75
CA LEU A 316 -26.76 20.25 -2.45
C LEU A 316 -26.90 21.61 -3.11
N TYR A 317 -27.41 21.64 -4.35
CA TYR A 317 -27.55 22.88 -5.10
C TYR A 317 -28.89 22.97 -5.82
N GLY A 318 -29.88 22.17 -5.39
CA GLY A 318 -31.19 22.21 -6.00
C GLY A 318 -32.13 23.19 -5.30
N ALA A 319 -33.31 23.35 -5.91
CA ALA A 319 -34.30 24.29 -5.39
C ALA A 319 -35.04 23.73 -4.17
N GLU A 320 -35.47 22.46 -4.25
CA GLU A 320 -36.21 21.81 -3.17
C GLU A 320 -35.41 20.61 -2.70
N PRO A 321 -34.53 20.78 -1.72
CA PRO A 321 -33.67 19.68 -1.29
C PRO A 321 -34.45 18.55 -0.65
N ARG A 322 -33.98 17.33 -0.86
CA ARG A 322 -34.55 16.13 -0.25
C ARG A 322 -34.01 15.99 1.16
N LEU A 323 -34.77 16.46 2.15
CA LEU A 323 -34.34 16.47 3.54
C LEU A 323 -35.03 15.36 4.32
N ASP A 324 -34.56 15.18 5.56
CA ASP A 324 -35.30 14.40 6.55
C ASP A 324 -35.52 15.24 7.80
N GLU A 325 -36.09 14.65 8.85
CA GLU A 325 -36.43 15.41 10.04
C GLU A 325 -35.23 15.71 10.93
N GLU A 326 -34.03 15.23 10.58
CA GLU A 326 -32.82 15.58 11.32
C GLU A 326 -31.97 16.61 10.59
N GLY A 327 -32.39 17.08 9.42
CA GLY A 327 -31.61 18.04 8.68
C GLY A 327 -30.59 17.43 7.75
N ARG A 328 -30.73 16.14 7.44
CA ARG A 328 -29.83 15.47 6.52
C ARG A 328 -30.38 15.52 5.10
N LEU A 329 -29.47 15.66 4.13
CA LEU A 329 -29.83 15.48 2.74
C LEU A 329 -29.88 14.00 2.40
N ARG A 330 -30.86 13.60 1.60
CA ARG A 330 -31.14 12.19 1.35
C ARG A 330 -31.07 11.90 -0.16
N ALA A 331 -30.40 10.81 -0.50
CA ALA A 331 -30.40 10.26 -1.85
C ALA A 331 -30.67 8.76 -1.87
N ASP A 332 -30.94 8.16 -0.72
CA ASP A 332 -31.02 6.71 -0.57
C ASP A 332 -32.46 6.21 -0.53
N TYR A 333 -33.43 7.04 -0.90
CA TYR A 333 -34.82 6.72 -0.59
C TYR A 333 -35.31 5.48 -1.35
N LYS A 334 -34.81 5.25 -2.56
CA LYS A 334 -35.29 4.11 -3.34
C LYS A 334 -34.92 2.78 -2.69
N GLU A 335 -33.79 2.73 -1.98
CA GLU A 335 -33.37 1.48 -1.35
C GLU A 335 -34.24 1.15 -0.14
N LEU A 336 -34.67 2.17 0.61
CA LEU A 336 -35.38 1.98 1.86
C LEU A 336 -36.87 1.73 1.68
N GLN A 337 -37.36 1.61 0.44
CA GLN A 337 -38.79 1.51 0.21
C GLN A 337 -39.30 0.14 0.65
N PRO A 338 -40.55 0.08 1.12
CA PRO A 338 -41.08 -1.21 1.62
C PRO A 338 -41.13 -2.30 0.56
N GLU A 339 -41.40 -1.95 -0.70
CA GLU A 339 -41.43 -2.96 -1.75
C GLU A 339 -40.05 -3.58 -1.96
N VAL A 340 -39.00 -2.77 -1.81
CA VAL A 340 -37.64 -3.31 -1.95
C VAL A 340 -37.26 -4.11 -0.71
N GLN A 341 -37.44 -3.53 0.47
CA GLN A 341 -36.94 -4.14 1.70
C GLN A 341 -37.65 -5.44 2.01
N SER A 342 -38.97 -5.48 1.86
CA SER A 342 -39.73 -6.66 2.24
C SER A 342 -39.38 -7.87 1.38
N ARG A 343 -39.06 -7.66 0.11
CA ARG A 343 -38.69 -8.78 -0.74
C ARG A 343 -37.26 -9.25 -0.47
N VAL A 344 -36.36 -8.33 -0.15
CA VAL A 344 -35.02 -8.72 0.27
C VAL A 344 -35.09 -9.55 1.54
N GLU A 345 -35.94 -9.15 2.48
CA GLU A 345 -36.07 -9.91 3.73
C GLU A 345 -36.66 -11.29 3.49
N GLU A 346 -37.63 -11.40 2.59
CA GLU A 346 -38.24 -12.70 2.31
C GLU A 346 -37.24 -13.63 1.64
N LEU A 347 -36.44 -13.11 0.71
CA LEU A 347 -35.53 -13.98 -0.04
C LEU A 347 -34.33 -14.42 0.80
N TRP A 348 -33.93 -13.62 1.79
CA TRP A 348 -32.71 -13.89 2.54
C TRP A 348 -32.71 -15.31 3.13
N ASP A 349 -33.86 -15.77 3.62
CA ASP A 349 -33.92 -17.09 4.22
C ASP A 349 -33.91 -18.21 3.19
N LYS A 350 -34.51 -17.98 2.02
CA LYS A 350 -34.64 -19.00 1.00
C LYS A 350 -33.42 -19.10 0.09
N VAL A 351 -32.32 -18.42 0.41
CA VAL A 351 -31.12 -18.47 -0.41
C VAL A 351 -30.20 -19.57 0.11
N THR A 352 -29.90 -20.54 -0.75
CA THR A 352 -28.99 -21.64 -0.44
C THR A 352 -27.89 -21.68 -1.50
N ASN A 353 -26.98 -22.65 -1.34
CA ASN A 353 -25.84 -22.76 -2.24
C ASN A 353 -26.27 -23.06 -3.67
N GLU A 354 -27.45 -23.68 -3.84
CA GLU A 354 -27.90 -24.10 -5.16
C GLU A 354 -28.63 -22.99 -5.91
N ASN A 355 -29.42 -22.18 -5.21
CA ASN A 355 -30.19 -21.11 -5.83
C ASN A 355 -29.48 -19.77 -5.81
N LEU A 356 -28.17 -19.75 -5.52
CA LEU A 356 -27.44 -18.51 -5.32
C LEU A 356 -27.65 -17.53 -6.47
N TYR A 357 -27.38 -17.98 -7.70
CA TYR A 357 -27.49 -17.12 -8.87
C TYR A 357 -28.92 -16.95 -9.35
N GLU A 358 -29.85 -17.74 -8.85
CA GLU A 358 -31.23 -17.65 -9.31
C GLU A 358 -32.08 -16.75 -8.43
N LEU A 359 -31.80 -16.69 -7.13
CA LEU A 359 -32.56 -15.85 -6.21
C LEU A 359 -31.85 -14.55 -5.87
N THR A 360 -30.58 -14.40 -6.24
CA THR A 360 -29.83 -13.18 -5.98
C THR A 360 -29.13 -12.73 -7.27
N ASP A 361 -28.64 -11.50 -7.26
CA ASP A 361 -27.78 -10.98 -8.32
C ASP A 361 -26.32 -11.04 -7.88
N PHE A 362 -25.88 -12.22 -7.42
CA PHE A 362 -24.47 -12.41 -7.09
C PHE A 362 -23.57 -12.18 -8.28
N ALA A 363 -24.07 -12.47 -9.49
CA ALA A 363 -23.32 -12.16 -10.69
C ALA A 363 -23.08 -10.67 -10.83
N GLY A 364 -24.10 -9.86 -10.51
CA GLY A 364 -23.92 -8.42 -10.57
C GLY A 364 -22.99 -7.90 -9.49
N TYR A 365 -23.11 -8.45 -8.28
CA TYR A 365 -22.21 -8.05 -7.19
C TYR A 365 -20.75 -8.33 -7.57
N LYS A 366 -20.47 -9.55 -8.05
CA LYS A 366 -19.11 -9.90 -8.44
C LYS A 366 -18.62 -9.00 -9.57
N SER A 367 -19.49 -8.71 -10.55
CA SER A 367 -19.09 -7.87 -11.67
C SER A 367 -18.76 -6.46 -11.21
N GLU A 368 -19.62 -5.86 -10.39
CA GLU A 368 -19.37 -4.50 -9.92
C GLU A 368 -18.17 -4.43 -8.99
N PHE A 369 -17.92 -5.49 -8.22
CA PHE A 369 -16.72 -5.53 -7.38
C PHE A 369 -15.46 -5.49 -8.24
N LEU A 370 -15.44 -6.24 -9.35
CA LEU A 370 -14.29 -6.22 -10.23
C LEU A 370 -14.21 -4.94 -11.06
N ASN A 371 -15.33 -4.23 -11.22
CA ASN A 371 -15.28 -2.93 -11.87
C ASN A 371 -14.46 -1.94 -11.08
N LEU A 372 -14.45 -2.06 -9.75
CA LEU A 372 -13.68 -1.16 -8.90
C LEU A 372 -12.20 -1.17 -9.24
N PHE A 373 -11.68 -2.32 -9.67
CA PHE A 373 -10.26 -2.47 -10.00
C PHE A 373 -9.98 -2.33 -11.49
N GLY A 374 -11.00 -2.12 -12.31
CA GLY A 374 -10.83 -1.97 -13.73
C GLY A 374 -11.08 -3.21 -14.56
N PHE A 375 -11.69 -4.24 -13.98
CA PHE A 375 -11.95 -5.49 -14.68
C PHE A 375 -13.43 -5.60 -15.01
N GLU A 376 -13.71 -6.28 -16.13
CA GLU A 376 -15.07 -6.46 -16.65
C GLU A 376 -15.73 -5.10 -16.93
N VAL A 377 -14.94 -4.16 -17.43
CA VAL A 377 -15.43 -2.85 -17.85
C VAL A 377 -15.67 -2.88 -19.35
N ALA A 378 -16.82 -2.33 -19.78
CA ALA A 378 -17.18 -2.35 -21.18
C ALA A 378 -16.19 -1.57 -22.02
N GLY A 379 -15.86 -2.11 -23.18
CA GLY A 379 -14.98 -1.42 -24.13
C GLY A 379 -13.50 -1.52 -23.83
N VAL A 380 -13.08 -2.39 -22.93
CA VAL A 380 -11.68 -2.56 -22.57
C VAL A 380 -11.19 -3.88 -23.15
N ASP A 381 -10.01 -3.84 -23.76
CA ASP A 381 -9.39 -5.04 -24.33
C ASP A 381 -8.48 -5.66 -23.28
N TYR A 382 -8.88 -6.80 -22.73
CA TYR A 382 -8.21 -7.38 -21.59
C TYR A 382 -7.15 -8.41 -21.96
N GLU A 383 -6.86 -8.59 -23.24
CA GLU A 383 -5.75 -9.44 -23.67
C GLU A 383 -4.52 -8.64 -24.03
N GLN A 384 -4.47 -7.36 -23.68
CA GLN A 384 -3.33 -6.50 -23.96
C GLN A 384 -2.47 -6.35 -22.71
N ASP A 385 -1.17 -6.12 -22.93
CA ASP A 385 -0.25 -5.90 -21.83
C ASP A 385 -0.66 -4.68 -21.03
N VAL A 386 -0.67 -4.81 -19.72
CA VAL A 386 -0.97 -3.70 -18.82
C VAL A 386 0.31 -2.93 -18.54
N ASP A 387 0.22 -1.61 -18.62
CA ASP A 387 1.36 -0.74 -18.31
C ASP A 387 1.09 -0.05 -16.98
N PRO A 388 1.70 -0.49 -15.89
CA PRO A 388 1.36 0.05 -14.57
C PRO A 388 2.05 1.35 -14.23
N ASP A 389 2.97 1.84 -15.07
CA ASP A 389 3.71 3.06 -14.78
C ASP A 389 2.91 4.25 -15.31
N VAL A 390 1.97 4.71 -14.49
CA VAL A 390 1.16 5.89 -14.77
C VAL A 390 1.53 6.97 -13.77
N GLN A 391 1.91 8.14 -14.28
CA GLN A 391 2.28 9.27 -13.43
C GLN A 391 1.16 10.31 -13.39
N ILE A 392 1.16 11.09 -12.32
CA ILE A 392 0.16 12.14 -12.11
C ILE A 392 0.92 13.46 -12.01
N ALA A 393 0.71 14.33 -13.00
CA ALA A 393 1.46 15.58 -13.05
C ALA A 393 1.10 16.49 -11.88
N ASN A 394 2.12 17.08 -11.28
CA ASN A 394 1.99 18.08 -10.21
C ASN A 394 1.34 17.52 -8.95
N LEU A 395 1.38 16.20 -8.77
CA LEU A 395 0.85 15.62 -7.55
C LEU A 395 1.71 16.02 -6.35
N ILE A 396 1.06 16.24 -5.21
CA ILE A 396 1.71 16.66 -3.97
C ILE A 396 1.69 15.50 -3.00
N GLN A 397 2.87 15.12 -2.49
CA GLN A 397 2.98 14.05 -1.50
C GLN A 397 3.26 14.59 -0.11
N PHE B 10 -7.28 -12.13 -12.69
CA PHE B 10 -7.29 -10.83 -12.05
C PHE B 10 -6.75 -10.92 -10.62
N ILE B 11 -6.18 -12.06 -10.26
CA ILE B 11 -5.76 -12.35 -8.89
C ILE B 11 -4.30 -11.91 -8.71
N CYS B 12 -3.96 -11.73 -7.44
CA CYS B 12 -2.56 -11.44 -7.07
C CYS B 12 -2.28 -12.33 -5.86
N VAL B 13 -1.17 -12.12 -5.17
CA VAL B 13 -0.76 -12.92 -4.02
C VAL B 13 -1.08 -12.14 -2.75
N THR B 14 -2.01 -12.66 -1.96
CA THR B 14 -2.26 -12.13 -0.64
C THR B 14 -1.16 -12.57 0.32
N THR B 15 -1.24 -12.11 1.56
CA THR B 15 -0.25 -12.44 2.56
C THR B 15 -0.89 -13.27 3.67
N HIS B 16 -0.14 -14.26 4.16
CA HIS B 16 -0.59 -15.11 5.25
C HIS B 16 0.12 -14.68 6.52
N PRO B 17 -0.60 -14.16 7.52
CA PRO B 17 0.08 -13.68 8.73
C PRO B 17 0.82 -14.78 9.49
N ALA B 18 0.17 -15.92 9.71
CA ALA B 18 0.81 -16.99 10.47
C ALA B 18 2.00 -17.56 9.71
N GLY B 19 1.92 -17.63 8.38
CA GLY B 19 3.05 -18.11 7.61
C GLY B 19 4.23 -17.17 7.61
N CYS B 20 3.97 -15.86 7.66
CA CYS B 20 5.05 -14.89 7.79
C CYS B 20 5.76 -15.05 9.13
N GLU B 21 5.02 -15.31 10.20
CA GLU B 21 5.63 -15.51 11.50
C GLU B 21 6.45 -16.79 11.52
N ALA B 22 5.95 -17.86 10.90
CA ALA B 22 6.72 -19.10 10.83
C ALA B 22 7.95 -18.93 9.95
N ASN B 23 7.88 -18.06 8.95
CA ASN B 23 9.07 -17.74 8.14
C ASN B 23 10.14 -17.08 8.99
N VAL B 24 9.74 -16.12 9.84
CA VAL B 24 10.71 -15.43 10.68
C VAL B 24 11.29 -16.38 11.72
N LYS B 25 10.45 -17.25 12.30
CA LYS B 25 10.93 -18.23 13.26
C LYS B 25 11.92 -19.20 12.60
N GLN B 26 11.68 -19.56 11.34
CA GLN B 26 12.61 -20.43 10.63
C GLN B 26 13.98 -19.76 10.48
N GLN B 27 14.00 -18.47 10.21
CA GLN B 27 15.27 -17.76 10.07
C GLN B 27 15.96 -17.58 11.42
N ILE B 28 15.19 -17.34 12.48
CA ILE B 28 15.76 -17.26 13.82
C ILE B 28 16.39 -18.60 14.20
N ASP B 29 15.70 -19.70 13.90
CA ASP B 29 16.20 -21.02 14.30
C ASP B 29 17.50 -21.35 13.58
N TYR B 30 17.65 -20.91 12.33
CA TYR B 30 18.89 -21.14 11.61
C TYR B 30 20.06 -20.40 12.26
N VAL B 31 19.84 -19.13 12.61
CA VAL B 31 20.89 -18.34 13.23
C VAL B 31 21.25 -18.92 14.59
N GLU B 32 20.25 -19.27 15.39
CA GLU B 32 20.50 -19.77 16.74
C GLU B 32 21.18 -21.13 16.73
N ALA B 33 20.89 -21.96 15.72
CA ALA B 33 21.55 -23.26 15.62
C ALA B 33 23.04 -23.14 15.32
N LYS B 34 23.46 -22.02 14.73
CA LYS B 34 24.88 -21.81 14.45
C LYS B 34 25.63 -21.22 15.63
N GLY B 35 24.94 -20.72 16.65
CA GLY B 35 25.58 -20.20 17.82
C GLY B 35 25.81 -18.70 17.75
N PRO B 36 26.37 -18.14 18.81
CA PRO B 36 26.55 -16.68 18.87
C PRO B 36 27.59 -16.19 17.88
N VAL B 37 27.37 -14.99 17.38
CA VAL B 37 28.34 -14.30 16.52
C VAL B 37 29.40 -13.69 17.43
N VAL B 38 30.64 -14.19 17.32
CA VAL B 38 31.70 -13.75 18.21
C VAL B 38 31.98 -12.27 17.99
N ASN B 39 31.96 -11.51 19.08
CA ASN B 39 32.20 -10.05 19.06
C ASN B 39 31.21 -9.33 18.15
N GLY B 40 29.99 -9.85 18.07
CA GLY B 40 28.97 -9.23 17.25
C GLY B 40 28.46 -7.93 17.83
N PRO B 41 27.59 -7.25 17.09
CA PRO B 41 27.10 -5.94 17.54
C PRO B 41 26.06 -6.09 18.65
N LYS B 42 25.70 -4.96 19.24
CA LYS B 42 24.75 -4.94 20.35
C LYS B 42 23.60 -3.95 20.18
N LYS B 43 23.73 -2.91 19.36
CA LYS B 43 22.66 -1.96 19.10
C LYS B 43 22.68 -1.62 17.62
N VAL B 44 21.72 -2.17 16.86
CA VAL B 44 21.78 -2.20 15.41
C VAL B 44 20.61 -1.42 14.83
N LEU B 45 20.89 -0.57 13.84
CA LEU B 45 19.88 0.12 13.05
C LEU B 45 19.85 -0.49 11.66
N VAL B 46 18.69 -0.98 11.25
CA VAL B 46 18.52 -1.60 9.94
C VAL B 46 17.54 -0.77 9.14
N ILE B 47 18.01 -0.18 8.04
CA ILE B 47 17.19 0.67 7.19
C ILE B 47 16.68 -0.20 6.05
N GLY B 48 15.40 -0.53 6.08
CA GLY B 48 14.83 -1.51 5.17
C GLY B 48 14.88 -2.89 5.79
N SER B 49 14.13 -3.09 6.88
CA SER B 49 14.30 -4.23 7.75
C SER B 49 13.15 -5.23 7.74
N SER B 50 12.12 -5.00 6.91
CA SER B 50 10.91 -5.81 7.01
C SER B 50 10.95 -7.06 6.15
N THR B 51 11.68 -7.04 5.04
CA THR B 51 11.70 -8.18 4.12
C THR B 51 13.12 -8.41 3.61
N GLY B 52 13.32 -9.59 3.04
CA GLY B 52 14.52 -9.86 2.25
C GLY B 52 15.78 -9.84 3.08
N TYR B 53 16.78 -9.11 2.58
CA TYR B 53 18.11 -9.13 3.18
C TYR B 53 18.16 -8.29 4.46
N GLY B 54 17.44 -7.17 4.50
CA GLY B 54 17.42 -6.36 5.71
C GLY B 54 16.79 -7.09 6.88
N LEU B 55 15.72 -7.84 6.61
CA LEU B 55 15.11 -8.67 7.65
C LEU B 55 16.10 -9.70 8.19
N ALA B 56 16.79 -10.40 7.28
CA ALA B 56 17.80 -11.37 7.70
C ALA B 56 18.91 -10.67 8.49
N ALA B 57 19.28 -9.45 8.08
CA ALA B 57 20.28 -8.70 8.83
C ALA B 57 19.80 -8.38 10.23
N ARG B 58 18.53 -7.99 10.37
CA ARG B 58 18.00 -7.69 11.69
C ARG B 58 17.87 -8.95 12.52
N ILE B 59 17.50 -10.07 11.90
CA ILE B 59 17.42 -11.34 12.63
C ILE B 59 18.79 -11.79 13.10
N THR B 60 19.80 -11.66 12.24
CA THR B 60 21.16 -12.08 12.61
C THR B 60 21.69 -11.23 13.76
N ALA B 61 21.37 -9.94 13.78
CA ALA B 61 21.85 -9.08 14.84
C ALA B 61 21.21 -9.41 16.18
N ALA B 62 19.88 -9.57 16.19
CA ALA B 62 19.18 -9.73 17.45
C ALA B 62 19.36 -11.13 18.02
N PHE B 63 19.38 -12.16 17.18
CA PHE B 63 19.38 -13.54 17.65
C PHE B 63 20.71 -14.25 17.48
N GLY B 64 21.70 -13.62 16.86
CA GLY B 64 23.04 -14.19 16.82
C GLY B 64 23.98 -13.44 17.73
N SER B 65 23.58 -12.22 18.10
CA SER B 65 24.41 -11.36 18.92
C SER B 65 23.68 -10.77 20.12
N GLY B 66 22.39 -11.05 20.29
CA GLY B 66 21.64 -10.47 21.38
C GLY B 66 21.52 -8.97 21.29
N ALA B 67 21.47 -8.43 20.07
CA ALA B 67 21.49 -7.00 19.87
C ALA B 67 20.09 -6.39 19.96
N ASP B 68 20.01 -5.20 20.55
CA ASP B 68 18.82 -4.37 20.37
C ASP B 68 18.81 -3.84 18.94
N THR B 69 17.62 -3.80 18.33
CA THR B 69 17.50 -3.42 16.93
C THR B 69 16.43 -2.37 16.74
N LEU B 70 16.74 -1.37 15.91
CA LEU B 70 15.78 -0.38 15.46
C LEU B 70 15.64 -0.52 13.95
N GLY B 71 14.43 -0.77 13.48
CA GLY B 71 14.18 -1.05 12.08
C GLY B 71 13.34 0.03 11.43
N VAL B 72 13.68 0.36 10.17
CA VAL B 72 12.92 1.29 9.36
C VAL B 72 12.42 0.53 8.14
N PHE B 73 11.14 0.69 7.82
CA PHE B 73 10.55 0.02 6.67
C PHE B 73 9.37 0.84 6.16
N PHE B 74 8.79 0.38 5.06
CA PHE B 74 7.59 0.98 4.47
C PHE B 74 6.62 -0.15 4.16
N GLU B 75 5.67 -0.38 5.07
CA GLU B 75 4.73 -1.49 4.95
C GLU B 75 3.32 -1.00 5.21
N ARG B 76 2.35 -1.72 4.66
CA ARG B 76 0.95 -1.38 4.90
C ARG B 76 0.43 -2.16 6.09
N PRO B 77 -0.12 -1.50 7.10
CA PRO B 77 -0.62 -2.23 8.27
C PRO B 77 -1.84 -3.08 7.92
N GLY B 78 -2.03 -4.12 8.71
CA GLY B 78 -3.21 -4.93 8.59
C GLY B 78 -4.42 -4.27 9.22
N SER B 79 -5.58 -4.83 8.92
CA SER B 79 -6.83 -4.39 9.52
C SER B 79 -7.77 -5.58 9.55
N GLU B 80 -8.94 -5.40 10.14
CA GLU B 80 -10.01 -6.34 9.91
C GLU B 80 -10.44 -6.24 8.45
N SER B 81 -10.50 -7.40 7.78
CA SER B 81 -10.99 -7.57 6.41
C SER B 81 -9.92 -7.37 5.34
N LYS B 82 -8.80 -6.75 5.67
CA LYS B 82 -7.76 -6.64 4.65
C LYS B 82 -6.37 -6.90 5.23
N PRO B 83 -5.67 -7.93 4.75
CA PRO B 83 -4.31 -8.18 5.25
C PRO B 83 -3.36 -7.09 4.79
N GLY B 84 -2.42 -6.76 5.66
CA GLY B 84 -1.35 -5.86 5.30
C GLY B 84 -0.34 -6.55 4.40
N THR B 85 0.77 -5.86 4.16
CA THR B 85 1.84 -6.45 3.38
C THR B 85 2.65 -7.43 4.22
N ALA B 86 3.40 -8.28 3.54
CA ALA B 86 4.16 -9.32 4.22
C ALA B 86 5.17 -8.75 5.20
N GLY B 87 5.81 -7.63 4.83
CA GLY B 87 6.78 -7.02 5.72
C GLY B 87 6.19 -6.55 7.04
N TRP B 88 4.89 -6.20 7.03
CA TRP B 88 4.22 -5.82 8.26
C TRP B 88 4.17 -6.98 9.24
N TYR B 89 3.76 -8.15 8.76
CA TYR B 89 3.66 -9.32 9.63
C TYR B 89 5.04 -9.88 9.96
N ASN B 90 6.00 -9.74 9.04
CA ASN B 90 7.37 -10.11 9.35
C ASN B 90 7.90 -9.30 10.53
N SER B 91 7.65 -8.00 10.51
CA SER B 91 8.16 -7.12 11.57
C SER B 91 7.44 -7.39 12.89
N ALA B 92 6.12 -7.57 12.84
CA ALA B 92 5.37 -7.89 14.05
C ALA B 92 5.86 -9.20 14.66
N ALA B 93 6.16 -10.18 13.82
CA ALA B 93 6.66 -11.46 14.33
C ALA B 93 8.06 -11.30 14.90
N PHE B 94 8.91 -10.51 14.25
CA PHE B 94 10.28 -10.33 14.75
C PHE B 94 10.27 -9.70 16.13
N GLU B 95 9.49 -8.63 16.30
CA GLU B 95 9.48 -7.92 17.58
C GLU B 95 8.91 -8.79 18.69
N LYS B 96 7.86 -9.57 18.38
CA LYS B 96 7.33 -10.51 19.36
C LYS B 96 8.40 -11.51 19.79
N PHE B 97 9.20 -11.99 18.84
CA PHE B 97 10.24 -12.95 19.17
C PHE B 97 11.42 -12.29 19.89
N ALA B 98 11.73 -11.04 19.55
CA ALA B 98 12.85 -10.35 20.19
C ALA B 98 12.51 -9.95 21.61
N HIS B 99 11.31 -9.38 21.82
CA HIS B 99 10.90 -9.02 23.18
C HIS B 99 10.80 -10.24 24.07
N GLU B 100 10.45 -11.39 23.50
CA GLU B 100 10.38 -12.62 24.27
C GLU B 100 11.74 -12.97 24.87
N LYS B 101 12.83 -12.59 24.19
CA LYS B 101 14.18 -12.78 24.72
C LYS B 101 14.67 -11.57 25.50
N GLY B 102 13.77 -10.66 25.88
CA GLY B 102 14.16 -9.49 26.64
C GLY B 102 15.01 -8.49 25.86
N LEU B 103 14.85 -8.44 24.55
CA LEU B 103 15.61 -7.53 23.71
C LEU B 103 14.74 -6.34 23.29
N TYR B 104 15.39 -5.19 23.11
CA TYR B 104 14.71 -4.03 22.55
C TYR B 104 14.50 -4.24 21.06
N ALA B 105 13.28 -4.00 20.60
CA ALA B 105 12.95 -4.09 19.17
C ALA B 105 11.82 -3.12 18.88
N ARG B 106 12.16 -2.01 18.23
CA ARG B 106 11.19 -1.02 17.81
C ARG B 106 11.37 -0.73 16.34
N SER B 107 10.31 -0.20 15.71
CA SER B 107 10.31 0.00 14.27
C SER B 107 9.71 1.36 13.94
N ILE B 108 10.15 1.92 12.81
CA ILE B 108 9.62 3.14 12.25
C ILE B 108 9.07 2.83 10.86
N ASN B 109 7.80 3.16 10.64
CA ASN B 109 7.13 2.92 9.37
C ASN B 109 7.00 4.25 8.63
N GLY B 110 7.88 4.45 7.65
CA GLY B 110 7.88 5.71 6.91
C GLY B 110 8.92 5.67 5.81
N ASP B 111 8.93 6.75 5.03
CA ASP B 111 9.84 6.86 3.89
C ASP B 111 11.25 7.14 4.40
N ALA B 112 12.13 6.15 4.31
CA ALA B 112 13.51 6.30 4.77
C ALA B 112 14.30 7.31 3.94
N PHE B 113 13.79 7.72 2.78
CA PHE B 113 14.44 8.76 1.99
C PHE B 113 14.14 10.16 2.51
N SER B 114 13.15 10.33 3.38
CA SER B 114 12.72 11.65 3.80
C SER B 114 13.50 12.12 5.02
N ASP B 115 13.63 13.44 5.14
CA ASP B 115 14.33 14.03 6.29
C ASP B 115 13.59 13.76 7.59
N GLU B 116 12.25 13.65 7.53
CA GLU B 116 11.48 13.48 8.75
C GLU B 116 11.74 12.13 9.39
N VAL B 117 11.95 11.09 8.58
CA VAL B 117 12.24 9.77 9.13
C VAL B 117 13.62 9.74 9.76
N LYS B 118 14.59 10.42 9.15
CA LYS B 118 15.92 10.51 9.74
C LYS B 118 15.88 11.27 11.06
N ARG B 119 15.05 12.31 11.15
CA ARG B 119 14.88 13.02 12.41
C ARG B 119 14.25 12.11 13.46
N LEU B 120 13.22 11.36 13.08
CA LEU B 120 12.57 10.46 14.02
C LEU B 120 13.49 9.32 14.45
N THR B 121 14.35 8.86 13.53
CA THR B 121 15.27 7.79 13.89
C THR B 121 16.32 8.26 14.89
N ILE B 122 16.84 9.46 14.69
CA ILE B 122 17.84 10.01 15.61
C ILE B 122 17.23 10.21 17.00
N GLU B 123 16.00 10.74 17.06
CA GLU B 123 15.35 10.95 18.34
C GLU B 123 15.09 9.62 19.04
N THR B 124 14.70 8.60 18.28
CA THR B 124 14.43 7.29 18.88
C THR B 124 15.70 6.66 19.42
N ILE B 125 16.81 6.76 18.67
CA ILE B 125 18.07 6.18 19.13
C ILE B 125 18.52 6.86 20.41
N LYS B 126 18.43 8.20 20.47
CA LYS B 126 18.85 8.94 21.66
C LYS B 126 18.06 8.52 22.89
N ARG B 127 16.75 8.36 22.75
CA ARG B 127 15.92 8.03 23.90
C ARG B 127 15.98 6.55 24.25
N ASP B 128 16.02 5.67 23.24
CA ASP B 128 15.83 4.25 23.46
C ASP B 128 17.11 3.43 23.44
N LEU B 129 18.19 3.93 22.83
CA LEU B 129 19.41 3.17 22.67
C LEU B 129 20.69 3.92 23.03
N GLY B 130 20.70 5.25 22.93
CA GLY B 130 21.91 6.00 23.17
C GLY B 130 22.78 6.08 21.94
N LYS B 131 23.33 4.94 21.52
CA LYS B 131 24.17 4.86 20.33
C LYS B 131 23.98 3.51 19.67
N VAL B 132 24.18 3.47 18.35
CA VAL B 132 24.17 2.23 17.58
C VAL B 132 25.59 1.95 17.11
N ASP B 133 25.93 0.65 17.03
CA ASP B 133 27.25 0.25 16.58
C ASP B 133 27.24 -0.42 15.21
N LEU B 134 26.06 -0.64 14.62
CA LEU B 134 25.94 -1.15 13.26
C LEU B 134 24.76 -0.49 12.57
N VAL B 135 24.97 -0.07 11.33
CA VAL B 135 23.94 0.55 10.49
C VAL B 135 23.88 -0.23 9.18
N VAL B 136 22.80 -0.98 8.98
CA VAL B 136 22.62 -1.77 7.76
C VAL B 136 21.72 -0.99 6.82
N TYR B 137 22.23 -0.65 5.65
CA TYR B 137 21.47 0.06 4.62
C TYR B 137 21.01 -0.96 3.59
N SER B 138 19.72 -1.27 3.60
CA SER B 138 19.16 -2.34 2.78
C SER B 138 17.87 -1.89 2.11
N LEU B 139 17.93 -0.74 1.45
CA LEU B 139 16.76 -0.18 0.78
C LEU B 139 16.67 -0.70 -0.65
N ALA B 140 15.47 -1.11 -1.05
CA ALA B 140 15.17 -1.50 -2.43
C ALA B 140 13.87 -0.84 -2.83
N ALA B 141 13.95 0.17 -3.68
CA ALA B 141 12.80 0.97 -4.05
C ALA B 141 12.82 1.25 -5.55
N PRO B 142 11.66 1.33 -6.19
CA PRO B 142 11.60 1.72 -7.59
C PRO B 142 11.56 3.22 -7.82
N ARG B 143 11.36 4.02 -6.76
CA ARG B 143 11.28 5.46 -6.88
C ARG B 143 11.80 6.09 -5.60
N ARG B 144 12.19 7.36 -5.70
CA ARG B 144 12.68 8.11 -4.55
C ARG B 144 12.24 9.55 -4.70
N THR B 145 11.47 10.04 -3.72
CA THR B 145 11.16 11.46 -3.63
C THR B 145 12.37 12.17 -3.04
N HIS B 146 12.91 13.15 -3.76
CA HIS B 146 14.04 13.91 -3.25
C HIS B 146 13.66 14.63 -1.97
N PRO B 147 14.43 14.48 -0.88
CA PRO B 147 14.01 15.05 0.40
C PRO B 147 14.04 16.57 0.45
N LYS B 148 14.75 17.22 -0.48
CA LYS B 148 14.87 18.67 -0.49
C LYS B 148 14.08 19.33 -1.61
N THR B 149 14.08 18.77 -2.82
CA THR B 149 13.37 19.36 -3.94
C THR B 149 11.99 18.77 -4.16
N GLY B 150 11.72 17.58 -3.62
CA GLY B 150 10.44 16.94 -3.82
C GLY B 150 10.29 16.24 -5.16
N GLU B 151 11.31 16.29 -6.01
CA GLU B 151 11.23 15.61 -7.30
C GLU B 151 11.25 14.10 -7.11
N VAL B 152 10.36 13.41 -7.82
CA VAL B 152 10.22 11.97 -7.72
C VAL B 152 11.05 11.35 -8.84
N PHE B 153 12.20 10.79 -8.49
CA PHE B 153 13.04 10.07 -9.43
C PHE B 153 12.57 8.62 -9.50
N SER B 154 12.57 8.07 -10.72
CA SER B 154 12.17 6.68 -10.95
C SER B 154 13.32 5.93 -11.61
N SER B 155 13.63 4.76 -11.07
CA SER B 155 14.70 3.94 -11.63
C SER B 155 14.21 3.20 -12.87
N THR B 156 15.12 3.00 -13.81
CA THR B 156 14.84 2.29 -15.05
C THR B 156 15.89 1.19 -15.22
N LEU B 157 15.43 -0.01 -15.57
CA LEU B 157 16.31 -1.17 -15.71
C LEU B 157 16.52 -1.44 -17.19
N LYS B 158 17.48 -0.71 -17.76
CA LYS B 158 17.82 -0.74 -19.17
C LYS B 158 19.33 -0.86 -19.31
N PRO B 159 19.81 -1.40 -20.43
CA PRO B 159 21.26 -1.46 -20.66
C PRO B 159 21.82 -0.09 -21.03
N ILE B 160 23.13 -0.04 -21.12
CA ILE B 160 23.85 1.19 -21.47
C ILE B 160 24.76 0.90 -22.66
N GLY B 161 24.79 1.82 -23.62
CA GLY B 161 25.64 1.67 -24.78
C GLY B 161 24.89 1.23 -26.02
N LYS B 162 24.11 0.16 -25.89
CA LYS B 162 23.35 -0.41 -26.99
C LYS B 162 22.12 -1.10 -26.41
N SER B 163 21.19 -1.47 -27.30
CA SER B 163 20.05 -2.28 -26.88
C SER B 163 20.48 -3.73 -26.68
N VAL B 164 19.62 -4.50 -26.02
CA VAL B 164 19.85 -5.92 -25.81
C VAL B 164 18.56 -6.68 -26.05
N SER B 165 18.71 -7.93 -26.48
CA SER B 165 17.58 -8.83 -26.66
C SER B 165 17.99 -10.21 -26.15
N PHE B 166 16.99 -10.96 -25.67
CA PHE B 166 17.23 -12.23 -25.03
C PHE B 166 15.89 -12.93 -24.83
N ARG B 167 15.96 -14.19 -24.41
CA ARG B 167 14.78 -14.96 -24.07
C ARG B 167 14.50 -14.81 -22.57
N GLY B 168 13.33 -14.28 -22.23
CA GLY B 168 12.92 -14.11 -20.85
C GLY B 168 11.73 -15.01 -20.53
N LEU B 169 11.36 -15.02 -19.25
CA LEU B 169 10.29 -15.88 -18.75
C LEU B 169 9.17 -15.01 -18.17
N ASP B 170 8.05 -14.93 -18.88
CA ASP B 170 6.83 -14.36 -18.32
C ASP B 170 6.34 -15.31 -17.24
N THR B 171 6.52 -14.94 -15.97
CA THR B 171 6.17 -15.82 -14.87
C THR B 171 4.67 -16.00 -14.71
N ASP B 172 3.86 -15.08 -15.23
CA ASP B 172 2.41 -15.19 -15.12
C ASP B 172 1.87 -16.23 -16.10
N LYS B 173 2.12 -16.04 -17.39
CA LYS B 173 1.68 -16.98 -18.41
C LYS B 173 2.56 -18.22 -18.49
N GLU B 174 3.73 -18.21 -17.84
CA GLU B 174 4.65 -19.34 -17.83
C GLU B 174 5.08 -19.72 -19.25
N VAL B 175 5.46 -18.71 -20.03
CA VAL B 175 5.94 -18.90 -21.38
C VAL B 175 7.23 -18.11 -21.55
N ILE B 176 8.12 -18.65 -22.38
CA ILE B 176 9.35 -17.95 -22.72
C ILE B 176 9.03 -16.92 -23.79
N LYS B 177 9.31 -15.66 -23.50
CA LYS B 177 9.06 -14.56 -24.42
C LYS B 177 10.39 -13.96 -24.88
N ASP B 178 10.34 -13.30 -26.04
CA ASP B 178 11.47 -12.52 -26.52
C ASP B 178 11.32 -11.09 -26.01
N VAL B 179 12.33 -10.61 -25.29
CA VAL B 179 12.31 -9.30 -24.66
C VAL B 179 13.44 -8.46 -25.23
N VAL B 180 13.12 -7.26 -25.68
CA VAL B 180 14.11 -6.27 -26.10
C VAL B 180 14.10 -5.14 -25.09
N LEU B 181 15.30 -4.67 -24.74
CA LEU B 181 15.46 -3.56 -23.80
C LEU B 181 16.34 -2.51 -24.48
N GLU B 182 15.76 -1.33 -24.73
CA GLU B 182 16.50 -0.28 -25.41
C GLU B 182 17.54 0.34 -24.48
N ALA B 183 18.49 1.04 -25.07
CA ALA B 183 19.51 1.72 -24.29
C ALA B 183 18.88 2.83 -23.45
N ALA B 184 19.49 3.10 -22.31
CA ALA B 184 18.96 4.07 -21.35
C ALA B 184 19.50 5.46 -21.67
N SER B 185 18.63 6.46 -21.53
CA SER B 185 19.05 7.84 -21.70
C SER B 185 19.95 8.26 -20.54
N ASP B 186 20.65 9.38 -20.75
CA ASP B 186 21.46 9.94 -19.67
C ASP B 186 20.61 10.37 -18.49
N GLN B 187 19.34 10.72 -18.74
CA GLN B 187 18.43 11.02 -17.65
C GLN B 187 18.00 9.76 -16.92
N GLU B 188 17.70 8.69 -17.65
CA GLU B 188 17.26 7.45 -17.03
C GLU B 188 18.36 6.86 -16.14
N VAL B 189 19.62 7.00 -16.54
CA VAL B 189 20.72 6.49 -15.73
C VAL B 189 20.88 7.33 -14.46
N ALA B 190 20.92 8.65 -14.61
CA ALA B 190 21.07 9.52 -13.45
C ALA B 190 19.90 9.40 -12.49
N ASP B 191 18.69 9.19 -13.02
CA ASP B 191 17.54 8.99 -12.14
C ASP B 191 17.66 7.67 -11.37
N THR B 192 18.04 6.60 -12.06
CA THR B 192 18.28 5.33 -11.39
C THR B 192 19.38 5.47 -10.35
N VAL B 193 20.41 6.28 -10.63
CA VAL B 193 21.45 6.55 -9.66
C VAL B 193 20.89 7.31 -8.46
N ALA B 194 19.94 8.21 -8.72
CA ALA B 194 19.33 8.94 -7.61
C ALA B 194 18.55 8.00 -6.70
N VAL B 195 17.90 6.99 -7.27
CA VAL B 195 17.08 6.08 -6.47
C VAL B 195 17.95 5.07 -5.73
N MET B 196 18.79 4.34 -6.47
CA MET B 196 19.52 3.21 -5.91
C MET B 196 21.00 3.51 -5.67
N GLY B 197 21.42 4.75 -5.82
CA GLY B 197 22.80 5.12 -5.57
C GLY B 197 23.10 5.23 -4.08
N GLY B 198 24.18 5.94 -3.78
CA GLY B 198 24.65 6.07 -2.41
C GLY B 198 24.42 7.39 -1.72
N GLU B 199 23.65 8.32 -2.30
CA GLU B 199 23.47 9.62 -1.68
C GLU B 199 22.71 9.53 -0.37
N ASP B 200 21.57 8.83 -0.38
CA ASP B 200 20.76 8.74 0.83
C ASP B 200 21.52 8.01 1.95
N TRP B 201 22.27 6.96 1.58
CA TRP B 201 23.15 6.31 2.55
C TRP B 201 24.15 7.28 3.14
N GLN B 202 24.74 8.13 2.29
CA GLN B 202 25.62 9.20 2.78
C GLN B 202 24.87 10.11 3.73
N MET B 203 23.64 10.51 3.36
CA MET B 203 22.88 11.44 4.18
C MET B 203 22.52 10.82 5.53
N TRP B 204 22.29 9.51 5.56
CA TRP B 204 21.99 8.83 6.82
C TRP B 204 23.18 8.88 7.76
N ILE B 205 24.36 8.50 7.26
CA ILE B 205 25.54 8.43 8.11
C ILE B 205 25.93 9.82 8.60
N ASP B 206 25.83 10.83 7.73
CA ASP B 206 26.15 12.20 8.13
C ASP B 206 25.23 12.65 9.27
N ALA B 207 23.94 12.36 9.17
CA ALA B 207 23.00 12.76 10.20
C ALA B 207 23.27 12.02 11.51
N LEU B 208 23.50 10.71 11.44
CA LEU B 208 23.78 9.95 12.65
C LEU B 208 25.08 10.39 13.31
N LEU B 209 26.10 10.70 12.49
CA LEU B 209 27.37 11.18 13.03
C LEU B 209 27.20 12.50 13.76
N GLU B 210 26.57 13.48 13.10
CA GLU B 210 26.38 14.79 13.69
C GLU B 210 25.55 14.72 14.97
N ALA B 211 24.59 13.81 15.03
CA ALA B 211 23.78 13.63 16.22
C ALA B 211 24.52 12.88 17.32
N ASP B 212 25.72 12.38 17.05
CA ASP B 212 26.54 11.67 18.04
C ASP B 212 25.81 10.43 18.57
N VAL B 213 25.16 9.70 17.68
CA VAL B 213 24.48 8.46 18.05
C VAL B 213 25.15 7.25 17.43
N LEU B 214 26.41 7.38 17.03
CA LEU B 214 27.20 6.28 16.49
C LEU B 214 28.28 5.93 17.51
N ALA B 215 28.25 4.69 18.00
CA ALA B 215 29.22 4.26 19.00
C ALA B 215 30.62 4.24 18.42
N ASP B 216 31.61 4.13 19.31
CA ASP B 216 32.99 4.01 18.87
C ASP B 216 33.19 2.70 18.11
N GLY B 217 33.89 2.79 16.98
CA GLY B 217 34.07 1.62 16.14
C GLY B 217 32.85 1.20 15.37
N ALA B 218 31.87 2.09 15.23
CA ALA B 218 30.63 1.75 14.55
C ALA B 218 30.87 1.37 13.10
N LYS B 219 30.13 0.38 12.62
CA LYS B 219 30.24 -0.09 11.26
C LYS B 219 28.94 0.21 10.52
N THR B 220 29.05 0.39 9.21
CA THR B 220 27.89 0.50 8.34
C THR B 220 28.18 -0.22 7.03
N THR B 221 27.15 -0.86 6.48
CA THR B 221 27.29 -1.59 5.23
C THR B 221 26.03 -1.43 4.40
N ALA B 222 26.21 -1.40 3.08
CA ALA B 222 25.11 -1.34 2.13
C ALA B 222 25.22 -2.53 1.19
N PHE B 223 24.08 -3.13 0.88
CA PHE B 223 24.05 -4.34 0.06
C PHE B 223 24.07 -4.00 -1.42
N THR B 224 24.73 -4.85 -2.20
CA THR B 224 24.85 -4.65 -3.63
C THR B 224 24.90 -6.00 -4.33
N TYR B 225 24.86 -5.94 -5.66
CA TYR B 225 24.97 -7.12 -6.50
C TYR B 225 25.93 -6.83 -7.64
N LEU B 226 26.85 -7.76 -7.90
CA LEU B 226 27.80 -7.64 -8.99
C LEU B 226 27.52 -8.58 -10.14
N GLY B 227 27.18 -9.84 -9.86
CA GLY B 227 26.84 -10.79 -10.90
C GLY B 227 28.03 -11.18 -11.76
N GLU B 228 27.74 -11.98 -12.77
CA GLU B 228 28.75 -12.45 -13.72
C GLU B 228 28.37 -12.04 -15.14
N LYS B 229 29.04 -12.65 -16.12
CA LYS B 229 28.95 -12.19 -17.50
C LYS B 229 27.51 -12.20 -18.02
N ILE B 230 26.73 -13.19 -17.59
CA ILE B 230 25.38 -13.35 -18.14
C ILE B 230 24.47 -12.20 -17.73
N THR B 231 24.77 -11.54 -16.61
CA THR B 231 23.96 -10.41 -16.14
C THR B 231 24.61 -9.07 -16.38
N HIS B 232 25.87 -9.03 -16.84
CA HIS B 232 26.64 -7.79 -16.85
C HIS B 232 26.07 -6.74 -17.79
N ASP B 233 25.35 -7.14 -18.84
CA ASP B 233 24.84 -6.14 -19.78
C ASP B 233 23.61 -5.42 -19.24
N ILE B 234 22.74 -6.14 -18.52
CA ILE B 234 21.53 -5.52 -18.01
C ILE B 234 21.72 -4.99 -16.58
N TYR B 235 22.62 -5.59 -15.80
CA TYR B 235 22.77 -5.18 -14.41
C TYR B 235 24.05 -4.38 -14.28
N TRP B 236 25.21 -5.01 -14.08
CA TRP B 236 26.39 -4.29 -13.60
C TRP B 236 26.79 -3.16 -14.53
N ASN B 237 26.71 -3.38 -15.85
CA ASN B 237 26.99 -2.33 -16.81
C ASN B 237 25.72 -1.72 -17.39
N GLY B 238 24.57 -1.98 -16.77
CA GLY B 238 23.34 -1.30 -17.10
C GLY B 238 23.13 -0.08 -16.23
N SER B 239 21.89 0.40 -16.21
CA SER B 239 21.59 1.60 -15.42
C SER B 239 21.64 1.29 -13.93
N ILE B 240 21.09 0.15 -13.51
CA ILE B 240 21.11 -0.20 -12.10
C ILE B 240 22.53 -0.45 -11.62
N GLY B 241 23.41 -0.89 -12.52
CA GLY B 241 24.81 -1.05 -12.16
C GLY B 241 25.51 0.28 -11.94
N ALA B 242 25.13 1.31 -12.70
CA ALA B 242 25.65 2.64 -12.44
C ALA B 242 25.23 3.15 -11.07
N ALA B 243 24.08 2.71 -10.57
CA ALA B 243 23.67 3.06 -9.22
C ALA B 243 24.51 2.33 -8.18
N LYS B 244 24.74 1.02 -8.40
CA LYS B 244 25.59 0.27 -7.47
C LYS B 244 27.04 0.71 -7.55
N LYS B 245 27.49 1.19 -8.71
CA LYS B 245 28.82 1.76 -8.80
C LYS B 245 28.93 3.06 -8.03
N ASP B 246 27.82 3.79 -7.88
CA ASP B 246 27.83 4.99 -7.06
C ASP B 246 27.98 4.66 -5.59
N LEU B 247 27.51 3.48 -5.17
CA LEU B 247 27.78 3.00 -3.81
C LEU B 247 29.28 2.84 -3.58
N ASP B 248 29.99 2.28 -4.57
CA ASP B 248 31.42 2.06 -4.43
C ASP B 248 32.18 3.39 -4.32
N GLN B 249 31.62 4.46 -4.88
CA GLN B 249 32.26 5.78 -4.74
C GLN B 249 31.90 6.43 -3.42
N LYS B 250 30.65 6.29 -2.99
CA LYS B 250 30.20 6.95 -1.76
C LYS B 250 30.78 6.29 -0.53
N VAL B 251 31.07 4.98 -0.59
CA VAL B 251 31.57 4.30 0.59
C VAL B 251 32.95 4.80 0.98
N LEU B 252 33.72 5.33 0.01
CA LEU B 252 35.04 5.86 0.32
C LEU B 252 34.95 7.06 1.25
N GLY B 253 34.02 7.97 0.98
CA GLY B 253 33.85 9.13 1.84
C GLY B 253 33.21 8.79 3.17
N ILE B 254 32.27 7.85 3.17
CA ILE B 254 31.66 7.42 4.43
C ILE B 254 32.70 6.76 5.32
N ARG B 255 33.61 5.98 4.73
CA ARG B 255 34.69 5.38 5.52
C ARG B 255 35.58 6.46 6.15
N ASP B 256 35.85 7.54 5.41
CA ASP B 256 36.69 8.60 5.94
C ASP B 256 35.98 9.37 7.05
N ARG B 257 34.69 9.67 6.86
CA ARG B 257 33.93 10.38 7.88
C ARG B 257 33.78 9.56 9.15
N LEU B 258 33.95 8.23 9.07
CA LEU B 258 33.86 7.37 10.23
C LEU B 258 35.21 7.14 10.92
N ALA B 259 36.30 7.63 10.33
CA ALA B 259 37.63 7.38 10.91
C ALA B 259 37.80 7.98 12.31
N PRO B 260 37.35 9.20 12.60
CA PRO B 260 37.52 9.73 13.98
C PRO B 260 36.89 8.86 15.06
N LEU B 261 35.91 8.03 14.71
CA LEU B 261 35.33 7.08 15.65
C LEU B 261 36.04 5.73 15.61
N GLY B 262 36.99 5.54 14.70
CA GLY B 262 37.58 4.23 14.52
C GLY B 262 36.63 3.24 13.87
N GLY B 263 35.70 3.71 13.04
CA GLY B 263 34.71 2.87 12.41
C GLY B 263 35.06 2.54 10.97
N ASP B 264 34.15 1.79 10.34
CA ASP B 264 34.36 1.31 8.99
C ASP B 264 33.06 1.37 8.20
N ALA B 265 33.20 1.49 6.88
CA ALA B 265 32.07 1.46 5.96
C ALA B 265 32.42 0.53 4.81
N ARG B 266 31.52 -0.42 4.51
CA ARG B 266 31.77 -1.38 3.45
C ARG B 266 30.53 -1.54 2.59
N VAL B 267 30.75 -1.97 1.36
CA VAL B 267 29.68 -2.45 0.49
C VAL B 267 29.71 -3.98 0.53
N SER B 268 28.57 -4.59 0.81
CA SER B 268 28.48 -6.04 0.95
C SER B 268 27.79 -6.61 -0.27
N VAL B 269 28.47 -7.51 -0.97
CA VAL B 269 27.94 -8.14 -2.17
C VAL B 269 27.27 -9.44 -1.78
N LEU B 270 26.00 -9.58 -2.12
CA LEU B 270 25.20 -10.75 -1.78
C LEU B 270 24.76 -11.46 -3.05
N LYS B 271 24.34 -12.72 -2.89
CA LYS B 271 23.91 -13.52 -4.03
C LYS B 271 22.49 -13.14 -4.46
N ALA B 272 22.15 -13.53 -5.68
CA ALA B 272 20.81 -13.28 -6.20
C ALA B 272 19.82 -14.22 -5.54
N VAL B 273 18.73 -13.65 -5.02
CA VAL B 273 17.67 -14.41 -4.37
C VAL B 273 16.33 -13.89 -4.89
N VAL B 274 15.27 -14.61 -4.51
CA VAL B 274 13.91 -14.22 -4.88
C VAL B 274 13.37 -13.27 -3.82
N THR B 275 13.05 -12.05 -4.25
CA THR B 275 12.31 -11.09 -3.45
C THR B 275 11.31 -10.40 -4.35
N GLN B 276 10.42 -9.60 -3.75
CA GLN B 276 9.53 -8.77 -4.56
C GLN B 276 10.34 -7.77 -5.39
N ALA B 277 11.50 -7.33 -4.88
CA ALA B 277 12.32 -6.38 -5.61
C ALA B 277 13.01 -7.04 -6.80
N SER B 278 13.65 -8.20 -6.57
CA SER B 278 14.38 -8.86 -7.64
C SER B 278 13.48 -9.60 -8.62
N SER B 279 12.24 -9.93 -8.23
CA SER B 279 11.32 -10.55 -9.16
C SER B 279 10.87 -9.60 -10.26
N ALA B 280 11.06 -8.30 -10.06
CA ALA B 280 10.70 -7.30 -11.06
C ALA B 280 11.84 -6.95 -12.00
N ILE B 281 13.04 -7.46 -11.75
CA ILE B 281 14.18 -7.18 -12.63
C ILE B 281 14.04 -8.00 -13.91
N PRO B 282 14.20 -7.41 -15.08
CA PRO B 282 14.20 -8.20 -16.31
C PRO B 282 15.28 -9.28 -16.27
N MET B 283 15.01 -10.38 -16.96
CA MET B 283 15.88 -11.56 -17.10
C MET B 283 16.18 -12.25 -15.77
N MET B 284 15.71 -11.69 -14.66
CA MET B 284 15.97 -12.24 -13.34
C MET B 284 15.14 -13.48 -13.01
N PRO B 285 13.84 -13.54 -13.36
CA PRO B 285 13.09 -14.77 -13.09
C PRO B 285 13.67 -16.00 -13.76
N LEU B 286 14.06 -15.90 -15.03
CA LEU B 286 14.69 -17.03 -15.71
C LEU B 286 16.05 -17.33 -15.13
N TYR B 287 16.83 -16.30 -14.79
CA TYR B 287 18.16 -16.51 -14.23
C TYR B 287 18.08 -17.20 -12.88
N LEU B 288 17.15 -16.78 -12.02
CA LEU B 288 17.01 -17.42 -10.71
C LEU B 288 16.52 -18.85 -10.84
N SER B 289 15.56 -19.09 -11.74
CA SER B 289 15.07 -20.44 -11.95
C SER B 289 16.19 -21.37 -12.42
N LEU B 290 17.08 -20.87 -13.27
CA LEU B 290 18.20 -21.68 -13.73
C LEU B 290 19.27 -21.79 -12.65
N LEU B 291 19.53 -20.70 -11.93
CA LEU B 291 20.56 -20.72 -10.89
C LEU B 291 20.18 -21.65 -9.75
N PHE B 292 18.91 -21.65 -9.36
CA PHE B 292 18.46 -22.56 -8.31
C PHE B 292 18.68 -24.01 -8.70
N LYS B 293 18.45 -24.34 -9.96
CA LYS B 293 18.67 -25.69 -10.44
C LYS B 293 20.15 -26.08 -10.36
N VAL B 294 21.02 -25.23 -10.93
CA VAL B 294 22.44 -25.55 -10.97
C VAL B 294 23.04 -25.54 -9.57
N MET B 295 22.64 -24.58 -8.73
CA MET B 295 23.23 -24.51 -7.40
C MET B 295 22.69 -25.60 -6.49
N LYS B 296 21.48 -26.08 -6.74
CA LYS B 296 21.01 -27.26 -6.01
C LYS B 296 21.80 -28.50 -6.41
N GLU B 297 22.26 -28.57 -7.66
CA GLU B 297 23.12 -29.68 -8.09
C GLU B 297 24.45 -29.64 -7.34
N GLN B 298 25.09 -28.46 -7.30
CA GLN B 298 26.34 -28.32 -6.58
C GLN B 298 26.17 -28.39 -5.07
N GLY B 299 24.94 -28.29 -4.57
CA GLY B 299 24.72 -28.27 -3.14
C GLY B 299 25.04 -26.96 -2.46
N THR B 300 25.01 -25.84 -3.20
CA THR B 300 25.36 -24.54 -2.65
C THR B 300 24.20 -23.57 -2.66
N HIS B 301 22.99 -24.05 -2.92
CA HIS B 301 21.82 -23.17 -2.96
C HIS B 301 21.53 -22.60 -1.57
N GLU B 302 21.34 -21.29 -1.49
CA GLU B 302 21.16 -20.61 -0.22
C GLU B 302 20.12 -19.51 -0.37
N GLY B 303 19.57 -19.07 0.77
CA GLY B 303 18.63 -18.00 0.83
C GLY B 303 19.18 -16.77 1.54
N CYS B 304 18.26 -15.92 1.99
CA CYS B 304 18.64 -14.64 2.58
C CYS B 304 19.38 -14.83 3.90
N ILE B 305 18.84 -15.67 4.79
CA ILE B 305 19.39 -15.74 6.14
C ILE B 305 20.76 -16.42 6.13
N GLU B 306 20.96 -17.42 5.27
CA GLU B 306 22.27 -18.06 5.18
C GLU B 306 23.32 -17.10 4.66
N GLN B 307 22.94 -16.26 3.69
CA GLN B 307 23.88 -15.30 3.12
C GLN B 307 24.28 -14.25 4.15
N VAL B 308 23.29 -13.68 4.85
CA VAL B 308 23.58 -12.58 5.78
C VAL B 308 24.24 -13.11 7.04
N ASP B 309 23.75 -14.24 7.56
CA ASP B 309 24.37 -14.85 8.74
C ASP B 309 25.85 -15.12 8.49
N GLY B 310 26.18 -15.66 7.31
CA GLY B 310 27.58 -15.85 6.97
C GLY B 310 28.34 -14.55 6.87
N LEU B 311 27.69 -13.50 6.35
CA LEU B 311 28.36 -12.21 6.22
C LEU B 311 28.74 -11.66 7.59
N TYR B 312 27.84 -11.78 8.57
CA TYR B 312 28.16 -11.36 9.94
C TYR B 312 29.35 -12.13 10.49
N ARG B 313 29.33 -13.46 10.34
CA ARG B 313 30.29 -14.30 11.04
C ARG B 313 31.68 -14.21 10.44
N GLU B 314 31.77 -14.15 9.11
CA GLU B 314 33.07 -14.20 8.44
C GLU B 314 33.62 -12.83 8.07
N SER B 315 32.77 -11.85 7.75
CA SER B 315 33.23 -10.60 7.16
C SER B 315 32.99 -9.39 8.06
N LEU B 316 31.74 -9.12 8.45
CA LEU B 316 31.47 -7.94 9.27
C LEU B 316 32.16 -8.04 10.62
N TYR B 317 32.18 -9.23 11.23
CA TYR B 317 32.73 -9.41 12.57
C TYR B 317 33.65 -10.62 12.64
N GLY B 318 34.22 -11.04 11.52
CA GLY B 318 35.20 -12.09 11.50
C GLY B 318 36.61 -11.53 11.51
N ALA B 319 37.55 -12.34 12.00
CA ALA B 319 38.94 -11.92 12.05
C ALA B 319 39.55 -11.77 10.66
N GLU B 320 39.06 -12.54 9.67
CA GLU B 320 39.60 -12.55 8.32
C GLU B 320 38.48 -12.23 7.35
N PRO B 321 38.17 -10.95 7.15
CA PRO B 321 37.03 -10.59 6.29
C PRO B 321 37.28 -11.00 4.84
N ARG B 322 36.21 -11.44 4.18
CA ARG B 322 36.27 -11.84 2.77
C ARG B 322 36.19 -10.59 1.91
N LEU B 323 37.30 -9.85 1.87
CA LEU B 323 37.39 -8.60 1.13
C LEU B 323 37.87 -8.87 -0.29
N ASP B 324 37.18 -8.30 -1.27
CA ASP B 324 37.67 -8.36 -2.64
C ASP B 324 38.69 -7.25 -2.88
N GLU B 325 39.20 -7.15 -4.11
CA GLU B 325 40.27 -6.22 -4.40
C GLU B 325 39.82 -4.76 -4.37
N GLU B 326 38.52 -4.50 -4.33
CA GLU B 326 38.00 -3.14 -4.24
C GLU B 326 37.65 -2.73 -2.81
N GLY B 327 37.83 -3.63 -1.84
CA GLY B 327 37.44 -3.36 -0.48
C GLY B 327 36.01 -3.74 -0.14
N ARG B 328 35.32 -4.45 -1.02
CA ARG B 328 33.97 -4.89 -0.73
C ARG B 328 34.00 -6.20 0.06
N LEU B 329 32.99 -6.37 0.91
CA LEU B 329 32.77 -7.64 1.58
C LEU B 329 31.94 -8.55 0.68
N ARG B 330 32.36 -9.80 0.56
CA ARG B 330 31.76 -10.72 -0.39
C ARG B 330 31.13 -11.91 0.31
N ALA B 331 29.93 -12.29 -0.14
CA ALA B 331 29.31 -13.53 0.27
C ALA B 331 28.67 -14.26 -0.91
N ASP B 332 28.98 -13.85 -2.14
CA ASP B 332 28.26 -14.29 -3.33
C ASP B 332 29.10 -15.18 -4.24
N TYR B 333 30.32 -15.54 -3.84
CA TYR B 333 31.26 -16.13 -4.78
C TYR B 333 30.80 -17.48 -5.29
N LYS B 334 30.08 -18.25 -4.47
CA LYS B 334 29.66 -19.58 -4.89
C LYS B 334 28.69 -19.53 -6.06
N GLU B 335 27.94 -18.43 -6.19
CA GLU B 335 27.08 -18.27 -7.36
C GLU B 335 27.88 -17.96 -8.62
N LEU B 336 29.04 -17.34 -8.46
CA LEU B 336 29.85 -16.87 -9.58
C LEU B 336 30.85 -17.90 -10.08
N GLN B 337 30.79 -19.13 -9.58
CA GLN B 337 31.77 -20.14 -9.98
C GLN B 337 31.54 -20.54 -11.44
N PRO B 338 32.62 -20.81 -12.19
CA PRO B 338 32.46 -21.15 -13.61
C PRO B 338 31.56 -22.36 -13.85
N GLU B 339 31.66 -23.38 -12.99
CA GLU B 339 30.81 -24.55 -13.15
C GLU B 339 29.34 -24.18 -12.99
N VAL B 340 29.04 -23.21 -12.12
CA VAL B 340 27.67 -22.73 -11.98
C VAL B 340 27.25 -21.93 -13.21
N GLN B 341 28.05 -20.92 -13.55
CA GLN B 341 27.65 -20.00 -14.62
C GLN B 341 27.61 -20.69 -15.97
N SER B 342 28.59 -21.58 -16.24
CA SER B 342 28.63 -22.25 -17.54
C SER B 342 27.36 -23.04 -17.80
N ARG B 343 26.87 -23.77 -16.79
CA ARG B 343 25.65 -24.56 -16.98
C ARG B 343 24.44 -23.67 -17.17
N VAL B 344 24.40 -22.52 -16.51
CA VAL B 344 23.26 -21.61 -16.65
C VAL B 344 23.19 -21.07 -18.08
N GLU B 345 24.34 -20.72 -18.66
CA GLU B 345 24.33 -20.20 -20.02
C GLU B 345 24.00 -21.29 -21.04
N GLU B 346 24.43 -22.53 -20.79
CA GLU B 346 24.11 -23.62 -21.70
C GLU B 346 22.61 -23.86 -21.76
N LEU B 347 21.95 -23.87 -20.59
CA LEU B 347 20.54 -24.16 -20.53
C LEU B 347 19.66 -22.98 -20.94
N TRP B 348 20.21 -21.77 -21.03
CA TRP B 348 19.37 -20.59 -21.25
C TRP B 348 18.69 -20.63 -22.61
N ASP B 349 19.41 -21.04 -23.65
CA ASP B 349 18.81 -21.07 -24.98
C ASP B 349 17.92 -22.28 -25.19
N LYS B 350 18.11 -23.34 -24.41
CA LYS B 350 17.37 -24.57 -24.58
C LYS B 350 16.05 -24.61 -23.82
N VAL B 351 15.81 -23.66 -22.90
CA VAL B 351 14.58 -23.68 -22.12
C VAL B 351 13.42 -23.21 -22.99
N THR B 352 12.32 -23.96 -22.96
CA THR B 352 11.15 -23.67 -23.79
C THR B 352 9.91 -23.80 -22.91
N ASN B 353 8.75 -23.47 -23.51
CA ASN B 353 7.49 -23.59 -22.78
C ASN B 353 7.18 -25.02 -22.39
N GLU B 354 7.75 -26.00 -23.08
CA GLU B 354 7.44 -27.40 -22.84
C GLU B 354 8.42 -28.10 -21.90
N ASN B 355 9.67 -27.64 -21.84
CA ASN B 355 10.65 -28.19 -20.92
C ASN B 355 10.91 -27.28 -19.72
N LEU B 356 10.04 -26.30 -19.49
CA LEU B 356 10.31 -25.28 -18.48
C LEU B 356 10.56 -25.89 -17.11
N TYR B 357 9.75 -26.86 -16.71
CA TYR B 357 9.89 -27.46 -15.39
C TYR B 357 10.94 -28.56 -15.34
N GLU B 358 11.62 -28.85 -16.45
CA GLU B 358 12.68 -29.84 -16.47
C GLU B 358 14.07 -29.24 -16.62
N LEU B 359 14.21 -28.12 -17.32
CA LEU B 359 15.49 -27.47 -17.51
C LEU B 359 15.79 -26.42 -16.46
N THR B 360 14.79 -26.00 -15.68
CA THR B 360 14.96 -25.01 -14.63
C THR B 360 14.33 -25.52 -13.35
N ASP B 361 14.60 -24.80 -12.27
CA ASP B 361 13.89 -24.98 -11.00
C ASP B 361 12.86 -23.88 -10.81
N PHE B 362 12.01 -23.70 -11.84
CA PHE B 362 10.94 -22.70 -11.74
C PHE B 362 9.95 -23.06 -10.66
N ALA B 363 9.79 -24.35 -10.36
CA ALA B 363 8.98 -24.76 -9.22
C ALA B 363 9.59 -24.26 -7.92
N GLY B 364 10.91 -24.32 -7.80
CA GLY B 364 11.56 -23.75 -6.62
C GLY B 364 11.48 -22.25 -6.59
N TYR B 365 11.52 -21.60 -7.76
CA TYR B 365 11.35 -20.16 -7.82
C TYR B 365 9.97 -19.75 -7.33
N LYS B 366 8.93 -20.44 -7.81
CA LYS B 366 7.57 -20.10 -7.40
C LYS B 366 7.34 -20.38 -5.92
N SER B 367 7.88 -21.48 -5.42
CA SER B 367 7.68 -21.85 -4.02
C SER B 367 8.31 -20.81 -3.10
N GLU B 368 9.55 -20.42 -3.38
CA GLU B 368 10.21 -19.39 -2.56
C GLU B 368 9.62 -18.01 -2.80
N PHE B 369 8.97 -17.78 -3.94
CA PHE B 369 8.24 -16.54 -4.14
C PHE B 369 7.03 -16.48 -3.22
N LEU B 370 6.26 -17.57 -3.17
CA LEU B 370 5.13 -17.63 -2.25
C LEU B 370 5.57 -17.68 -0.79
N ASN B 371 6.83 -18.06 -0.54
CA ASN B 371 7.33 -18.07 0.84
C ASN B 371 7.39 -16.65 1.41
N LEU B 372 7.68 -15.66 0.57
CA LEU B 372 7.76 -14.28 1.02
C LEU B 372 6.45 -13.82 1.64
N PHE B 373 5.32 -14.31 1.13
CA PHE B 373 4.00 -13.91 1.58
C PHE B 373 3.44 -14.83 2.66
N GLY B 374 4.22 -15.80 3.12
CA GLY B 374 3.78 -16.71 4.15
C GLY B 374 3.11 -17.98 3.67
N PHE B 375 3.21 -18.28 2.38
CA PHE B 375 2.61 -19.48 1.81
C PHE B 375 3.69 -20.52 1.51
N GLU B 376 3.28 -21.79 1.53
CA GLU B 376 4.18 -22.92 1.31
C GLU B 376 5.30 -22.95 2.35
N VAL B 377 4.98 -22.55 3.58
CA VAL B 377 5.92 -22.55 4.69
C VAL B 377 5.67 -23.79 5.53
N ALA B 378 6.74 -24.45 5.93
CA ALA B 378 6.62 -25.67 6.73
C ALA B 378 5.96 -25.39 8.07
N GLY B 379 5.12 -26.32 8.51
CA GLY B 379 4.54 -26.24 9.82
C GLY B 379 3.23 -25.48 9.89
N VAL B 380 3.06 -24.52 8.97
CA VAL B 380 1.87 -23.70 8.97
C VAL B 380 0.65 -24.53 8.61
N ASP B 381 -0.44 -24.33 9.35
CA ASP B 381 -1.72 -24.94 9.04
C ASP B 381 -2.53 -23.90 8.29
N TYR B 382 -2.63 -24.06 6.97
CA TYR B 382 -3.33 -23.11 6.11
C TYR B 382 -4.83 -23.35 6.08
N GLU B 383 -5.37 -24.10 7.04
CA GLU B 383 -6.81 -24.29 7.13
C GLU B 383 -7.46 -23.45 8.22
N GLN B 384 -6.68 -22.94 9.17
CA GLN B 384 -7.23 -22.05 10.17
C GLN B 384 -7.65 -20.74 9.53
N ASP B 385 -8.74 -20.16 10.04
CA ASP B 385 -9.12 -18.82 9.62
C ASP B 385 -8.03 -17.83 10.03
N VAL B 386 -7.60 -17.01 9.09
CA VAL B 386 -6.51 -16.07 9.35
C VAL B 386 -7.10 -14.77 9.89
N ASP B 387 -6.35 -14.15 10.80
CA ASP B 387 -6.74 -12.85 11.35
C ASP B 387 -5.77 -11.80 10.83
N PRO B 388 -6.21 -10.87 9.99
CA PRO B 388 -5.30 -9.89 9.41
C PRO B 388 -5.05 -8.66 10.28
N ASP B 389 -5.70 -8.55 11.44
CA ASP B 389 -5.58 -7.36 12.28
C ASP B 389 -4.50 -7.59 13.34
N VAL B 390 -3.25 -7.55 12.87
CA VAL B 390 -2.08 -7.71 13.73
C VAL B 390 -1.48 -6.33 13.99
N GLN B 391 -1.43 -5.93 15.26
CA GLN B 391 -0.92 -4.63 15.64
C GLN B 391 0.56 -4.74 16.05
N ILE B 392 1.28 -3.65 15.85
CA ILE B 392 2.66 -3.52 16.30
C ILE B 392 2.69 -2.41 17.34
N ALA B 393 2.67 -2.78 18.61
CA ALA B 393 2.68 -1.78 19.66
C ALA B 393 4.00 -1.01 19.66
N ASN B 394 3.92 0.27 20.03
CA ASN B 394 5.04 1.21 20.06
C ASN B 394 5.64 1.45 18.68
N LEU B 395 4.96 1.05 17.62
CA LEU B 395 5.38 1.42 16.27
C LEU B 395 5.35 2.93 16.12
N ILE B 396 6.37 3.47 15.45
CA ILE B 396 6.51 4.91 15.25
C ILE B 396 5.96 5.26 13.87
N GLN B 397 5.10 6.29 13.83
CA GLN B 397 4.40 6.73 12.62
C GLN B 397 3.52 5.59 12.12
#